data_6LTG
#
_entry.id   6LTG
#
_cell.length_a   81.380
_cell.length_b   95.200
_cell.length_c   113.780
_cell.angle_alpha   90.000
_cell.angle_beta   90.000
_cell.angle_gamma   90.000
#
_symmetry.space_group_name_H-M   'P 21 21 21'
#
loop_
_entity.id
_entity.type
_entity.pdbx_description
1 polymer 'antibody Fab fragment H-chain'
2 polymer 'antibody Fab fragment L-chain'
3 non-polymer 'MAGNESIUM ION'
4 water water
#
loop_
_entity_poly.entity_id
_entity_poly.type
_entity_poly.pdbx_seq_one_letter_code
_entity_poly.pdbx_strand_id
1 'polypeptide(L)'
;QVKLEESGLVAPSQSLSITCTVSGFSLIRYGVHWVRQPPGKGLEWLGVIWAGGSTNYNSALMSRLRISKDNSKSQVFLKM
NSLQTDDTAMYYCARDDGITTVVEGYVMDYWGQGTSVTVSSAKTTAPSVYPLAPGSAAQTNSMVTLGCLVKGYFPEPVTV
TWNSGSLSSGVHTFPAVLQSDLYTLSSSVTVPSSTWPSETVTCNVAHPASSTKVDKKIVPR
;
A,C
2 'polypeptide(L)'
;DIVLTQSPASLAASLGQRATISCRASESVDSYGNSFMHWYQQKPGQPPKLLIYLASNLESGVPARFSGSGSRTDFTLTID
PVEADDAATYYCQQNNGVPWTFGGGTKLEIKRADAAPTVSIFPPSSEQLTSGGASVVCFLNNFYPKDINVKWKIDGSERQ
NGVLNSWTDQDSKDSTYSMSSTLTLTKDEYERHNSYTCEATHKTSTSPIVKSFNRNE
;
B,D
#
loop_
_chem_comp.id
_chem_comp.type
_chem_comp.name
_chem_comp.formula
MG non-polymer 'MAGNESIUM ION' 'Mg 2'
#
# COMPACT_ATOMS: atom_id res chain seq x y z
N GLN A 1 4.97 0.46 -11.94
CA GLN A 1 5.19 -0.98 -12.03
C GLN A 1 4.47 -1.61 -13.20
N VAL A 2 3.27 -1.13 -13.46
CA VAL A 2 2.66 -1.20 -14.77
C VAL A 2 2.20 0.20 -15.13
N LYS A 3 2.61 0.72 -16.31
CA LYS A 3 2.37 2.12 -16.65
C LYS A 3 1.96 2.26 -18.11
N LEU A 4 0.76 2.79 -18.34
CA LEU A 4 0.21 2.99 -19.67
C LEU A 4 0.54 4.38 -20.22
N GLU A 5 0.86 4.43 -21.52
CA GLU A 5 1.14 5.67 -22.21
C GLU A 5 0.43 5.64 -23.55
N GLU A 6 -0.24 6.75 -23.88
CA GLU A 6 -1.13 6.74 -25.04
C GLU A 6 -1.37 8.19 -25.46
N SER A 7 -2.08 8.35 -26.59
CA SER A 7 -2.20 9.63 -27.28
C SER A 7 -3.15 10.64 -26.62
N GLY A 8 -4.00 10.22 -25.71
CA GLY A 8 -5.04 11.13 -25.16
C GLY A 8 -6.27 11.35 -26.05
N LEU A 9 -6.04 11.75 -27.29
CA LEU A 9 -7.11 12.06 -28.22
C LEU A 9 -6.73 11.51 -29.57
N VAL A 10 -7.64 10.78 -30.21
CA VAL A 10 -7.41 10.21 -31.54
C VAL A 10 -8.63 10.46 -32.41
N ALA A 11 -8.40 10.83 -33.67
CA ALA A 11 -9.50 11.01 -34.60
C ALA A 11 -10.11 9.67 -34.99
N PRO A 12 -11.42 9.64 -35.25
CA PRO A 12 -12.08 8.37 -35.57
C PRO A 12 -11.56 7.71 -36.84
N SER A 13 -10.88 8.46 -37.71
CA SER A 13 -10.32 7.92 -38.94
C SER A 13 -8.96 7.25 -38.74
N GLN A 14 -8.37 7.36 -37.55
CA GLN A 14 -7.00 6.97 -37.31
C GLN A 14 -6.94 5.68 -36.48
N SER A 15 -5.74 5.33 -36.04
CA SER A 15 -5.51 4.15 -35.23
C SER A 15 -5.19 4.57 -33.80
N LEU A 16 -5.40 3.65 -32.87
CA LEU A 16 -5.07 3.85 -31.46
C LEU A 16 -3.87 2.98 -31.11
N SER A 17 -2.85 3.58 -30.50
CA SER A 17 -1.68 2.83 -30.06
C SER A 17 -1.38 3.19 -28.61
N ILE A 18 -1.28 2.17 -27.75
CA ILE A 18 -1.01 2.36 -26.33
C ILE A 18 0.15 1.44 -25.94
N THR A 19 1.06 1.94 -25.12
CA THR A 19 2.18 1.16 -24.63
C THR A 19 2.02 0.94 -23.13
N CYS A 20 2.23 -0.30 -22.69
CA CYS A 20 2.28 -0.65 -21.28
C CYS A 20 3.73 -0.96 -20.92
N THR A 21 4.36 -0.10 -20.12
CA THR A 21 5.72 -0.34 -19.66
C THR A 21 5.68 -0.93 -18.26
N VAL A 22 6.35 -2.07 -18.08
CA VAL A 22 6.30 -2.78 -16.81
C VAL A 22 7.67 -2.72 -16.14
N SER A 23 7.65 -2.82 -14.82
CA SER A 23 8.89 -2.93 -14.06
C SER A 23 8.66 -3.84 -12.86
N GLY A 24 9.74 -4.42 -12.36
CA GLY A 24 9.66 -5.25 -11.18
C GLY A 24 9.34 -6.71 -11.46
N PHE A 25 9.07 -7.05 -12.72
CA PHE A 25 8.85 -8.41 -13.16
C PHE A 25 9.20 -8.43 -14.64
N SER A 26 9.32 -9.64 -15.18
CA SER A 26 9.72 -9.81 -16.57
C SER A 26 8.56 -10.39 -17.39
N LEU A 27 8.41 -9.88 -18.61
CA LEU A 27 7.41 -10.39 -19.55
C LEU A 27 7.71 -11.81 -20.03
N ILE A 28 8.92 -12.31 -19.81
CA ILE A 28 9.21 -13.71 -20.10
C ILE A 28 8.55 -14.63 -19.08
N ARG A 29 8.18 -14.11 -17.91
CA ARG A 29 7.59 -14.92 -16.87
C ARG A 29 6.11 -14.67 -16.66
N TYR A 30 5.62 -13.44 -16.91
CA TYR A 30 4.23 -13.09 -16.64
C TYR A 30 3.52 -12.62 -17.91
N GLY A 31 2.24 -13.06 -18.07
CA GLY A 31 1.39 -12.47 -19.08
C GLY A 31 0.88 -11.09 -18.68
N VAL A 32 0.35 -10.35 -19.65
CA VAL A 32 -0.23 -9.03 -19.42
C VAL A 32 -1.56 -8.90 -20.16
N HIS A 33 -2.59 -8.43 -19.45
CA HIS A 33 -3.94 -8.24 -19.95
C HIS A 33 -4.20 -6.77 -20.28
N TRP A 34 -5.11 -6.53 -21.21
CA TRP A 34 -5.66 -5.20 -21.45
C TRP A 34 -7.15 -5.21 -21.11
N VAL A 35 -7.59 -4.15 -20.43
CA VAL A 35 -8.97 -3.99 -19.97
C VAL A 35 -9.34 -2.53 -20.17
N ARG A 36 -10.58 -2.25 -20.59
CA ARG A 36 -11.00 -0.85 -20.74
C ARG A 36 -12.29 -0.59 -19.99
N GLN A 37 -12.59 0.71 -19.83
CA GLN A 37 -13.76 1.16 -19.09
C GLN A 37 -14.25 2.49 -19.64
N PRO A 38 -15.35 2.51 -20.39
CA PRO A 38 -15.93 3.78 -20.83
C PRO A 38 -16.41 4.60 -19.65
N PRO A 39 -16.52 5.92 -19.81
CA PRO A 39 -16.95 6.78 -18.71
C PRO A 39 -18.29 6.33 -18.16
N GLY A 40 -18.32 6.08 -16.85
CA GLY A 40 -19.55 5.66 -16.19
C GLY A 40 -20.02 4.25 -16.45
N LYS A 41 -19.24 3.43 -17.16
CA LYS A 41 -19.65 2.08 -17.52
C LYS A 41 -18.74 1.03 -16.86
N GLY A 42 -18.96 -0.25 -17.21
CA GLY A 42 -18.25 -1.33 -16.57
C GLY A 42 -16.92 -1.67 -17.26
N LEU A 43 -16.13 -2.49 -16.56
CA LEU A 43 -14.91 -3.06 -17.14
C LEU A 43 -15.21 -3.99 -18.31
N GLU A 44 -14.39 -3.89 -19.35
CA GLU A 44 -14.47 -4.82 -20.49
C GLU A 44 -13.09 -5.37 -20.80
N TRP A 45 -12.94 -6.69 -20.75
CA TRP A 45 -11.67 -7.33 -21.09
C TRP A 45 -11.39 -7.20 -22.58
N LEU A 46 -10.17 -6.81 -22.93
CA LEU A 46 -9.77 -6.65 -24.34
C LEU A 46 -8.95 -7.83 -24.85
N GLY A 47 -8.03 -8.34 -24.05
CA GLY A 47 -7.22 -9.48 -24.46
C GLY A 47 -6.00 -9.63 -23.58
N VAL A 48 -5.10 -10.50 -24.02
CA VAL A 48 -3.97 -10.90 -23.20
C VAL A 48 -2.84 -11.36 -24.10
N ILE A 49 -1.60 -11.05 -23.71
CA ILE A 49 -0.44 -11.67 -24.33
C ILE A 49 0.28 -12.46 -23.24
N TRP A 50 0.33 -13.79 -23.40
CA TRP A 50 0.88 -14.65 -22.36
C TRP A 50 2.41 -14.55 -22.35
N ALA A 51 3.02 -15.05 -21.27
CA ALA A 51 4.48 -15.06 -21.19
C ALA A 51 5.12 -15.65 -22.43
N GLY A 52 4.58 -16.79 -22.90
CA GLY A 52 5.12 -17.44 -24.08
C GLY A 52 4.90 -16.70 -25.39
N GLY A 53 4.09 -15.65 -25.39
CA GLY A 53 3.95 -14.81 -26.56
C GLY A 53 2.68 -15.00 -27.36
N SER A 54 1.85 -15.99 -27.03
CA SER A 54 0.59 -16.14 -27.76
C SER A 54 -0.47 -15.19 -27.16
N THR A 55 -1.55 -14.99 -27.91
CA THR A 55 -2.55 -13.99 -27.57
C THR A 55 -3.96 -14.56 -27.64
N ASN A 56 -4.84 -14.00 -26.79
CA ASN A 56 -6.28 -14.23 -26.88
C ASN A 56 -6.99 -12.89 -26.79
N TYR A 57 -8.23 -12.84 -27.28
CA TYR A 57 -8.89 -11.56 -27.54
C TYR A 57 -10.37 -11.59 -27.20
N ASN A 58 -10.88 -10.39 -26.89
CA ASN A 58 -12.30 -10.10 -26.88
C ASN A 58 -12.90 -10.41 -28.25
N SER A 59 -13.99 -11.18 -28.27
CA SER A 59 -14.50 -11.71 -29.53
C SER A 59 -15.07 -10.61 -30.42
N ALA A 60 -15.75 -9.64 -29.83
CA ALA A 60 -16.38 -8.60 -30.63
C ALA A 60 -15.37 -7.63 -31.23
N LEU A 61 -14.17 -7.54 -30.65
CA LEU A 61 -13.19 -6.56 -31.08
C LEU A 61 -12.01 -7.18 -31.83
N MET A 62 -11.94 -8.50 -31.89
CA MET A 62 -10.72 -9.15 -32.37
C MET A 62 -10.34 -8.69 -33.78
N SER A 63 -11.33 -8.41 -34.63
CA SER A 63 -11.04 -8.02 -36.00
C SER A 63 -10.36 -6.65 -36.10
N ARG A 64 -10.39 -5.84 -35.04
CA ARG A 64 -9.77 -4.52 -35.10
C ARG A 64 -8.84 -4.29 -33.91
N LEU A 65 -8.26 -5.35 -33.34
CA LEU A 65 -7.44 -5.22 -32.15
C LEU A 65 -6.24 -6.15 -32.25
N ARG A 66 -5.04 -5.69 -31.89
CA ARG A 66 -3.98 -6.67 -31.74
C ARG A 66 -3.06 -6.24 -30.61
N ILE A 67 -2.53 -7.23 -29.91
CA ILE A 67 -1.64 -7.05 -28.77
C ILE A 67 -0.32 -7.71 -29.10
N SER A 68 0.79 -7.05 -28.78
CA SER A 68 2.12 -7.59 -29.01
C SER A 68 3.02 -7.11 -27.89
N LYS A 69 4.31 -7.47 -27.95
CA LYS A 69 5.19 -7.10 -26.85
C LYS A 69 6.64 -7.20 -27.29
N ASP A 70 7.51 -6.60 -26.47
CA ASP A 70 8.96 -6.68 -26.63
C ASP A 70 9.51 -7.05 -25.26
N ASN A 71 9.86 -8.33 -25.09
CA ASN A 71 10.35 -8.82 -23.81
C ASN A 71 11.57 -8.01 -23.35
N SER A 72 12.50 -7.74 -24.27
CA SER A 72 13.73 -7.07 -23.88
C SER A 72 13.51 -5.64 -23.41
N LYS A 73 12.43 -4.99 -23.85
CA LYS A 73 12.15 -3.61 -23.47
C LYS A 73 11.12 -3.49 -22.36
N SER A 74 10.58 -4.62 -21.88
CA SER A 74 9.54 -4.61 -20.85
C SER A 74 8.34 -3.77 -21.27
N GLN A 75 7.95 -3.89 -22.54
CA GLN A 75 6.83 -3.15 -23.10
C GLN A 75 5.80 -4.09 -23.72
N VAL A 76 4.53 -3.80 -23.46
CA VAL A 76 3.42 -4.47 -24.10
C VAL A 76 2.64 -3.43 -24.90
N PHE A 77 2.19 -3.80 -26.10
CA PHE A 77 1.54 -2.87 -27.00
C PHE A 77 0.12 -3.29 -27.32
N LEU A 78 -0.77 -2.30 -27.41
CA LEU A 78 -2.12 -2.48 -27.91
C LEU A 78 -2.32 -1.57 -29.11
N LYS A 79 -2.95 -2.11 -30.15
CA LYS A 79 -3.30 -1.34 -31.34
C LYS A 79 -4.74 -1.65 -31.73
N MET A 80 -5.48 -0.60 -32.03
CA MET A 80 -6.87 -0.75 -32.47
C MET A 80 -7.08 0.12 -33.70
N ASN A 81 -7.88 -0.36 -34.63
CA ASN A 81 -8.26 0.53 -35.73
C ASN A 81 -9.77 0.48 -35.95
N SER A 82 -10.24 1.03 -37.08
CA SER A 82 -11.65 1.19 -37.36
C SER A 82 -12.38 1.72 -36.13
N LEU A 83 -11.90 2.87 -35.65
CA LEU A 83 -12.30 3.37 -34.34
C LEU A 83 -13.74 3.88 -34.34
N GLN A 84 -14.34 3.86 -33.16
CA GLN A 84 -15.70 4.32 -32.91
C GLN A 84 -15.68 5.24 -31.69
N THR A 85 -16.63 6.17 -31.63
CA THR A 85 -16.63 7.06 -30.47
C THR A 85 -16.85 6.31 -29.16
N ASP A 86 -17.49 5.14 -29.18
CA ASP A 86 -17.62 4.39 -27.94
C ASP A 86 -16.36 3.56 -27.61
N ASP A 87 -15.28 3.75 -28.37
CA ASP A 87 -13.96 3.35 -27.91
C ASP A 87 -13.38 4.34 -26.91
N THR A 88 -14.04 5.49 -26.71
CA THR A 88 -13.62 6.42 -25.66
C THR A 88 -13.72 5.74 -24.30
N ALA A 89 -12.61 5.67 -23.57
CA ALA A 89 -12.54 4.86 -22.36
C ALA A 89 -11.20 5.04 -21.67
N MET A 90 -11.15 4.63 -20.40
CA MET A 90 -9.89 4.41 -19.72
C MET A 90 -9.36 3.04 -20.13
N TYR A 91 -8.09 2.98 -20.50
CA TYR A 91 -7.44 1.74 -20.92
C TYR A 91 -6.41 1.35 -19.86
N TYR A 92 -6.55 0.14 -19.31
CA TYR A 92 -5.68 -0.42 -18.29
C TYR A 92 -4.90 -1.61 -18.84
N CYS A 93 -3.68 -1.77 -18.36
CA CYS A 93 -2.98 -3.04 -18.49
C CYS A 93 -2.80 -3.61 -17.09
N ALA A 94 -2.76 -4.95 -17.01
CA ALA A 94 -2.71 -5.62 -15.72
C ALA A 94 -1.92 -6.91 -15.85
N ARG A 95 -1.22 -7.26 -14.77
CA ARG A 95 -0.39 -8.47 -14.78
C ARG A 95 -1.25 -9.70 -14.54
N ASP A 96 -1.02 -10.71 -15.37
CA ASP A 96 -1.60 -12.03 -15.12
C ASP A 96 -0.92 -12.73 -13.94
N ASP A 97 -1.73 -13.35 -13.09
CA ASP A 97 -1.34 -13.94 -11.79
C ASP A 97 -0.04 -13.47 -11.16
N GLU A 104 -0.01 -19.46 -14.33
CA GLU A 104 -0.57 -18.47 -15.24
C GLU A 104 -2.08 -18.63 -15.43
N GLY A 105 -2.77 -17.50 -15.59
CA GLY A 105 -4.14 -17.50 -16.08
C GLY A 105 -5.25 -17.57 -15.07
N TYR A 106 -5.05 -17.10 -13.84
CA TYR A 106 -6.15 -17.09 -12.89
C TYR A 106 -6.68 -15.70 -12.57
N VAL A 107 -5.81 -14.71 -12.35
CA VAL A 107 -6.24 -13.41 -11.88
C VAL A 107 -5.42 -12.31 -12.54
N MET A 108 -5.87 -11.07 -12.34
CA MET A 108 -5.12 -9.88 -12.70
C MET A 108 -4.74 -9.22 -11.38
N ASP A 109 -3.49 -9.42 -10.95
CA ASP A 109 -3.18 -9.07 -9.57
C ASP A 109 -2.56 -7.68 -9.38
N TYR A 110 -1.84 -7.15 -10.37
CA TYR A 110 -1.34 -5.78 -10.33
C TYR A 110 -1.81 -5.02 -11.56
N TRP A 111 -2.27 -3.78 -11.35
CA TRP A 111 -2.88 -2.97 -12.40
C TRP A 111 -2.14 -1.64 -12.56
N GLY A 112 -2.06 -1.17 -13.79
CA GLY A 112 -1.66 0.21 -14.02
C GLY A 112 -2.76 1.18 -13.61
N GLN A 113 -2.40 2.46 -13.60
CA GLN A 113 -3.37 3.48 -13.20
C GLN A 113 -4.37 3.79 -14.31
N GLY A 114 -4.09 3.38 -15.53
CA GLY A 114 -4.97 3.64 -16.66
C GLY A 114 -4.59 4.89 -17.41
N THR A 115 -4.88 4.90 -18.71
CA THR A 115 -4.73 6.09 -19.53
C THR A 115 -6.04 6.36 -20.26
N SER A 116 -6.46 7.62 -20.24
CA SER A 116 -7.69 8.03 -20.89
C SER A 116 -7.49 8.19 -22.39
N VAL A 117 -8.36 7.57 -23.19
CA VAL A 117 -8.37 7.70 -24.65
C VAL A 117 -9.74 8.21 -25.07
N THR A 118 -9.76 9.33 -25.79
CA THR A 118 -11.00 9.84 -26.37
C THR A 118 -10.91 9.74 -27.89
N VAL A 119 -11.96 9.18 -28.50
CA VAL A 119 -12.04 9.07 -29.95
C VAL A 119 -12.98 10.15 -30.43
N SER A 120 -12.44 11.17 -31.09
CA SER A 120 -13.25 12.33 -31.45
C SER A 120 -12.52 13.18 -32.48
N SER A 121 -13.31 13.84 -33.32
CA SER A 121 -12.79 14.82 -34.28
C SER A 121 -12.68 16.22 -33.70
N ALA A 122 -13.17 16.44 -32.48
CA ALA A 122 -13.01 17.76 -31.86
C ALA A 122 -11.55 17.97 -31.48
N LYS A 123 -11.14 19.23 -31.44
CA LYS A 123 -9.73 19.54 -31.27
C LYS A 123 -9.39 19.81 -29.82
N THR A 124 -8.12 19.58 -29.49
CA THR A 124 -7.62 19.82 -28.14
C THR A 124 -7.76 21.30 -27.80
N THR A 125 -8.30 21.57 -26.60
CA THR A 125 -8.44 22.93 -26.11
C THR A 125 -8.01 22.99 -24.66
N ALA A 126 -7.08 23.90 -24.34
CA ALA A 126 -6.63 24.06 -22.97
C ALA A 126 -7.69 24.79 -22.15
N PRO A 127 -7.79 24.48 -20.86
CA PRO A 127 -8.80 25.15 -20.04
C PRO A 127 -8.38 26.53 -19.59
N SER A 128 -9.39 27.35 -19.32
CA SER A 128 -9.24 28.50 -18.45
C SER A 128 -9.48 28.05 -17.01
N VAL A 129 -8.70 28.61 -16.10
CA VAL A 129 -8.77 28.24 -14.68
C VAL A 129 -9.03 29.50 -13.88
N TYR A 130 -10.18 29.54 -13.20
CA TYR A 130 -10.65 30.75 -12.54
C TYR A 130 -10.71 30.54 -11.04
N PRO A 131 -10.14 31.44 -10.24
CA PRO A 131 -10.26 31.33 -8.79
C PRO A 131 -11.61 31.84 -8.33
N LEU A 132 -12.22 31.13 -7.37
CA LEU A 132 -13.53 31.50 -6.83
C LEU A 132 -13.39 31.86 -5.35
N ALA A 133 -13.34 33.16 -5.06
CA ALA A 133 -13.33 33.68 -3.70
C ALA A 133 -14.76 33.94 -3.23
N PRO A 134 -14.98 34.00 -1.92
CA PRO A 134 -16.34 34.27 -1.41
C PRO A 134 -16.87 35.61 -1.89
N GLY A 135 -18.18 35.79 -1.75
CA GLY A 135 -18.79 37.05 -2.15
C GLY A 135 -18.18 38.21 -1.38
N SER A 136 -17.94 39.31 -2.09
CA SER A 136 -17.20 40.49 -1.60
C SER A 136 -17.48 40.83 -0.14
N ALA A 137 -16.45 40.70 0.72
CA ALA A 137 -16.30 41.28 2.07
C ALA A 137 -15.65 40.33 3.08
N ALA A 138 -15.97 40.56 4.36
CA ALA A 138 -15.08 40.20 5.47
C ALA A 138 -14.81 38.70 5.54
N GLN A 139 -15.86 37.92 5.79
CA GLN A 139 -15.87 36.51 6.20
C GLN A 139 -16.94 36.38 7.27
N THR A 140 -17.89 35.46 7.08
CA THR A 140 -19.00 35.37 8.01
C THR A 140 -18.83 34.29 9.06
N ASN A 141 -18.26 33.15 8.70
CA ASN A 141 -18.41 31.91 9.46
C ASN A 141 -17.09 31.47 10.09
N SER A 142 -17.18 30.42 10.90
CA SER A 142 -16.00 29.74 11.41
C SER A 142 -15.30 28.91 10.34
N MET A 143 -16.00 28.60 9.24
CA MET A 143 -15.42 27.95 8.08
C MET A 143 -15.51 28.89 6.88
N VAL A 144 -14.59 28.70 5.93
CA VAL A 144 -14.64 29.40 4.65
C VAL A 144 -14.51 28.36 3.55
N THR A 145 -15.33 28.48 2.50
CA THR A 145 -15.23 27.63 1.32
C THR A 145 -14.76 28.47 0.13
N LEU A 146 -13.76 27.95 -0.58
CA LEU A 146 -13.20 28.52 -1.81
C LEU A 146 -13.44 27.56 -2.97
N GLY A 147 -13.29 28.08 -4.19
CA GLY A 147 -13.56 27.30 -5.38
C GLY A 147 -12.54 27.53 -6.47
N CYS A 148 -12.56 26.62 -7.44
CA CYS A 148 -11.72 26.68 -8.62
C CYS A 148 -12.57 26.18 -9.77
N LEU A 149 -12.69 26.97 -10.84
CA LEU A 149 -13.51 26.62 -12.00
C LEU A 149 -12.61 26.40 -13.20
N VAL A 150 -12.68 25.19 -13.77
CA VAL A 150 -11.84 24.77 -14.88
C VAL A 150 -12.75 24.64 -16.10
N LYS A 151 -12.67 25.59 -17.02
CA LYS A 151 -13.74 25.78 -18.00
C LYS A 151 -13.23 25.67 -19.43
N GLY A 152 -13.98 24.94 -20.25
CA GLY A 152 -13.78 24.99 -21.68
C GLY A 152 -12.62 24.20 -22.24
N TYR A 153 -12.40 22.99 -21.73
CA TYR A 153 -11.28 22.17 -22.20
C TYR A 153 -11.75 20.92 -22.93
N PHE A 154 -10.82 20.31 -23.66
CA PHE A 154 -11.11 19.07 -24.36
C PHE A 154 -9.80 18.42 -24.77
N PRO A 155 -9.65 17.09 -24.66
CA PRO A 155 -10.54 16.10 -24.06
C PRO A 155 -10.31 15.98 -22.56
N GLU A 156 -11.01 15.04 -21.92
CA GLU A 156 -10.66 14.61 -20.58
C GLU A 156 -9.30 13.93 -20.60
N PRO A 157 -8.60 13.86 -19.47
CA PRO A 157 -8.95 14.43 -18.16
C PRO A 157 -8.16 15.67 -17.82
N VAL A 158 -8.51 16.25 -16.68
CA VAL A 158 -7.63 17.19 -15.98
C VAL A 158 -7.36 16.59 -14.61
N THR A 159 -6.27 17.03 -14.00
CA THR A 159 -6.00 16.73 -12.60
C THR A 159 -5.98 18.05 -11.86
N VAL A 160 -6.50 18.04 -10.64
CA VAL A 160 -6.62 19.26 -9.83
C VAL A 160 -6.19 18.92 -8.42
N THR A 161 -5.29 19.73 -7.87
CA THR A 161 -4.94 19.67 -6.46
C THR A 161 -5.08 21.06 -5.85
N TRP A 162 -4.98 21.11 -4.52
CA TRP A 162 -4.93 22.36 -3.76
C TRP A 162 -3.63 22.37 -2.97
N ASN A 163 -2.92 23.49 -3.02
CA ASN A 163 -1.60 23.62 -2.38
C ASN A 163 -0.72 22.41 -2.68
N SER A 164 -0.65 22.07 -3.97
CA SER A 164 0.23 21.03 -4.49
C SER A 164 -0.09 19.65 -3.91
N GLY A 165 -1.35 19.46 -3.49
CA GLY A 165 -1.79 18.21 -2.93
C GLY A 165 -1.66 18.11 -1.42
N SER A 166 -1.03 19.10 -0.78
CA SER A 166 -0.91 19.09 0.67
C SER A 166 -2.23 19.40 1.35
N LEU A 167 -3.13 20.11 0.67
CA LEU A 167 -4.46 20.40 1.19
C LEU A 167 -5.40 19.42 0.51
N SER A 168 -5.79 18.36 1.23
CA SER A 168 -6.68 17.33 0.69
C SER A 168 -7.95 17.14 1.50
N SER A 169 -7.88 17.31 2.82
CA SER A 169 -9.06 17.27 3.65
C SER A 169 -10.00 18.42 3.29
N GLY A 170 -11.29 18.14 3.27
CA GLY A 170 -12.25 19.18 2.96
C GLY A 170 -12.33 19.59 1.51
N VAL A 171 -11.75 18.80 0.60
CA VAL A 171 -11.77 19.06 -0.84
C VAL A 171 -12.87 18.23 -1.51
N HIS A 172 -13.61 18.85 -2.42
CA HIS A 172 -14.55 18.13 -3.30
C HIS A 172 -14.26 18.55 -4.73
N THR A 173 -13.81 17.61 -5.55
CA THR A 173 -13.57 17.87 -6.97
C THR A 173 -14.61 17.11 -7.76
N PHE A 174 -15.38 17.83 -8.57
CA PHE A 174 -16.59 17.27 -9.16
C PHE A 174 -16.31 16.76 -10.57
N PRO A 175 -16.96 15.67 -10.98
CA PRO A 175 -16.80 15.18 -12.36
C PRO A 175 -17.16 16.24 -13.38
N ALA A 176 -16.40 16.27 -14.48
CA ALA A 176 -16.63 17.28 -15.49
C ALA A 176 -17.95 17.05 -16.21
N VAL A 177 -18.54 18.15 -16.69
CA VAL A 177 -19.76 18.12 -17.49
C VAL A 177 -19.39 18.53 -18.91
N LEU A 178 -19.94 17.83 -19.89
CA LEU A 178 -19.66 18.12 -21.30
C LEU A 178 -20.79 18.96 -21.88
N GLN A 179 -20.44 20.05 -22.54
CA GLN A 179 -21.41 20.97 -23.11
C GLN A 179 -20.83 21.52 -24.41
N SER A 180 -21.37 21.07 -25.54
CA SER A 180 -20.99 21.60 -26.85
C SER A 180 -19.50 21.43 -27.11
N ASP A 181 -19.03 20.18 -26.99
CA ASP A 181 -17.68 19.74 -27.29
C ASP A 181 -16.63 20.30 -26.33
N LEU A 182 -17.03 20.83 -25.16
CA LEU A 182 -16.08 21.31 -24.18
C LEU A 182 -16.51 20.87 -22.78
N TYR A 183 -15.53 20.52 -21.96
CA TYR A 183 -15.78 20.13 -20.59
C TYR A 183 -15.59 21.30 -19.64
N THR A 184 -16.34 21.27 -18.54
CA THR A 184 -16.15 22.19 -17.42
C THR A 184 -16.12 21.39 -16.13
N LEU A 185 -15.19 21.74 -15.24
CA LEU A 185 -15.01 21.04 -13.98
C LEU A 185 -14.81 22.07 -12.87
N SER A 186 -15.29 21.74 -11.68
CA SER A 186 -15.08 22.62 -10.54
C SER A 186 -14.60 21.83 -9.34
N SER A 187 -14.01 22.55 -8.39
CA SER A 187 -13.59 21.98 -7.13
C SER A 187 -13.79 23.00 -6.02
N SER A 188 -14.19 22.52 -4.84
CA SER A 188 -14.30 23.36 -3.66
C SER A 188 -13.34 22.87 -2.59
N VAL A 189 -12.94 23.77 -1.71
CA VAL A 189 -12.16 23.39 -0.54
C VAL A 189 -12.67 24.21 0.64
N THR A 190 -12.89 23.55 1.78
CA THR A 190 -13.40 24.20 2.97
C THR A 190 -12.36 24.14 4.07
N VAL A 191 -12.05 25.29 4.67
CA VAL A 191 -11.01 25.41 5.69
C VAL A 191 -11.52 26.23 6.84
N PRO A 192 -10.87 26.16 8.01
CA PRO A 192 -11.26 27.06 9.11
C PRO A 192 -10.96 28.50 8.75
N SER A 193 -11.71 29.41 9.39
CA SER A 193 -11.59 30.83 9.07
C SER A 193 -10.18 31.36 9.32
N SER A 194 -9.46 30.79 10.28
CA SER A 194 -8.09 31.22 10.53
C SER A 194 -7.10 30.73 9.48
N THR A 195 -7.54 29.93 8.53
CA THR A 195 -6.63 29.47 7.49
C THR A 195 -6.59 30.44 6.32
N TRP A 196 -7.74 30.96 5.91
CA TRP A 196 -7.84 31.85 4.77
C TRP A 196 -8.67 33.06 5.18
N PRO A 197 -8.26 34.27 4.81
CA PRO A 197 -7.17 34.57 3.87
C PRO A 197 -5.78 34.73 4.48
N SER A 198 -5.59 34.37 5.75
CA SER A 198 -4.30 34.62 6.38
C SER A 198 -3.19 33.77 5.77
N GLU A 199 -3.52 32.60 5.21
CA GLU A 199 -2.55 31.76 4.53
C GLU A 199 -2.98 31.57 3.08
N THR A 200 -2.00 31.34 2.20
CA THR A 200 -2.28 31.20 0.77
C THR A 200 -2.92 29.86 0.45
N VAL A 201 -3.92 29.90 -0.44
CA VAL A 201 -4.56 28.70 -0.96
C VAL A 201 -4.54 28.82 -2.48
N THR A 202 -3.99 27.82 -3.15
CA THR A 202 -3.80 27.83 -4.59
C THR A 202 -4.35 26.54 -5.20
N CYS A 203 -5.11 26.67 -6.28
CA CYS A 203 -5.54 25.46 -6.98
C CYS A 203 -4.58 25.23 -8.14
N ASN A 204 -4.21 23.96 -8.32
CA ASN A 204 -3.25 23.55 -9.33
C ASN A 204 -3.96 22.64 -10.32
N VAL A 205 -3.89 22.99 -11.60
CA VAL A 205 -4.61 22.27 -12.64
C VAL A 205 -3.64 21.83 -13.73
N ALA A 206 -3.77 20.58 -14.17
CA ALA A 206 -2.96 20.05 -15.26
C ALA A 206 -3.90 19.46 -16.29
N HIS A 207 -3.63 19.74 -17.56
CA HIS A 207 -4.40 19.20 -18.68
C HIS A 207 -3.41 18.52 -19.62
N PRO A 208 -3.24 17.21 -19.47
CA PRO A 208 -2.18 16.51 -20.23
C PRO A 208 -2.30 16.67 -21.74
N ALA A 209 -3.52 16.65 -22.29
CA ALA A 209 -3.68 16.67 -23.74
C ALA A 209 -3.14 17.94 -24.37
N SER A 210 -3.24 19.08 -23.66
CA SER A 210 -2.68 20.34 -24.13
C SER A 210 -1.33 20.65 -23.49
N SER A 211 -0.80 19.73 -22.68
CA SER A 211 0.50 19.88 -22.03
C SER A 211 0.55 21.13 -21.16
N THR A 212 -0.58 21.52 -20.57
CA THR A 212 -0.68 22.78 -19.86
C THR A 212 -0.88 22.57 -18.37
N LYS A 213 -0.25 23.44 -17.59
CA LYS A 213 -0.47 23.51 -16.15
C LYS A 213 -0.79 24.95 -15.78
N VAL A 214 -1.72 25.14 -14.85
CA VAL A 214 -2.13 26.46 -14.39
C VAL A 214 -2.24 26.44 -12.86
N ASP A 215 -1.68 27.46 -12.21
CA ASP A 215 -1.89 27.69 -10.79
C ASP A 215 -2.71 28.96 -10.59
N LYS A 216 -3.70 28.94 -9.70
CA LYS A 216 -4.44 30.16 -9.39
C LYS A 216 -4.54 30.29 -7.89
N LYS A 217 -3.93 31.33 -7.35
CA LYS A 217 -4.11 31.67 -5.94
C LYS A 217 -5.47 32.32 -5.73
N ILE A 218 -6.16 31.90 -4.68
CA ILE A 218 -7.47 32.46 -4.34
C ILE A 218 -7.24 33.74 -3.54
N VAL A 219 -7.63 34.88 -4.10
CA VAL A 219 -7.44 36.15 -3.40
C VAL A 219 -8.81 36.74 -3.05
N PRO A 220 -8.95 37.40 -1.91
CA PRO A 220 -10.23 38.04 -1.57
C PRO A 220 -10.66 39.03 -2.66
N ARG A 221 -11.96 39.09 -2.91
CA ARG A 221 -12.50 40.05 -3.85
C ARG A 221 -12.37 41.46 -3.24
N ASP B 1 -18.78 -18.18 -25.56
CA ASP B 1 -18.38 -17.15 -24.60
C ASP B 1 -19.32 -17.22 -23.40
N ILE B 2 -18.77 -17.08 -22.18
CA ILE B 2 -19.59 -17.14 -20.97
C ILE B 2 -19.95 -15.73 -20.56
N VAL B 3 -21.24 -15.49 -20.34
CA VAL B 3 -21.79 -14.17 -19.98
C VAL B 3 -22.07 -14.17 -18.48
N LEU B 4 -21.61 -13.12 -17.79
CA LEU B 4 -21.86 -12.92 -16.37
C LEU B 4 -22.87 -11.80 -16.14
N THR B 5 -23.88 -12.08 -15.31
CA THR B 5 -24.89 -11.10 -14.97
C THR B 5 -24.85 -10.86 -13.47
N GLN B 6 -24.64 -9.62 -13.05
CA GLN B 6 -24.58 -9.30 -11.64
C GLN B 6 -25.90 -8.72 -11.16
N SER B 7 -26.21 -8.97 -9.90
CA SER B 7 -27.40 -8.48 -9.23
C SER B 7 -27.01 -8.09 -7.81
N PRO B 8 -27.62 -7.04 -7.26
CA PRO B 8 -28.46 -6.03 -7.89
C PRO B 8 -27.57 -5.04 -8.63
N ALA B 9 -28.14 -4.08 -9.33
CA ALA B 9 -27.31 -3.05 -9.94
C ALA B 9 -26.67 -2.18 -8.86
N SER B 10 -27.40 -1.93 -7.78
CA SER B 10 -26.87 -1.17 -6.65
C SER B 10 -27.63 -1.58 -5.41
N LEU B 11 -26.98 -1.36 -4.26
CA LEU B 11 -27.59 -1.65 -2.97
C LEU B 11 -27.02 -0.67 -1.96
N ALA B 12 -27.75 -0.48 -0.88
CA ALA B 12 -27.32 0.43 0.18
C ALA B 12 -27.36 -0.32 1.50
N ALA B 13 -26.21 -0.41 2.17
CA ALA B 13 -26.08 -1.15 3.43
C ALA B 13 -25.52 -0.23 4.50
N SER B 14 -26.09 -0.31 5.70
CA SER B 14 -25.64 0.53 6.81
C SER B 14 -24.28 0.09 7.32
N LEU B 15 -23.54 1.03 7.89
CA LEU B 15 -22.26 0.70 8.52
C LEU B 15 -22.45 -0.43 9.52
N GLY B 16 -21.56 -1.43 9.44
CA GLY B 16 -21.54 -2.52 10.38
C GLY B 16 -22.49 -3.66 10.05
N GLN B 17 -23.30 -3.53 9.00
CA GLN B 17 -24.23 -4.57 8.59
C GLN B 17 -23.62 -5.45 7.51
N ARG B 18 -24.43 -6.33 6.93
CA ARG B 18 -23.98 -7.38 6.03
C ARG B 18 -24.41 -7.08 4.60
N ALA B 19 -23.47 -7.14 3.66
CA ALA B 19 -23.77 -7.01 2.23
C ALA B 19 -23.42 -8.32 1.54
N THR B 20 -24.35 -8.82 0.72
CA THR B 20 -24.10 -9.94 -0.16
C THR B 20 -24.59 -9.55 -1.54
N ILE B 21 -23.77 -9.76 -2.56
CA ILE B 21 -24.13 -9.49 -3.94
C ILE B 21 -23.87 -10.75 -4.76
N SER B 22 -24.49 -10.83 -5.94
CA SER B 22 -24.57 -12.07 -6.68
C SER B 22 -24.04 -11.94 -8.10
N CYS B 23 -23.52 -13.06 -8.62
CA CYS B 23 -23.03 -13.14 -10.00
C CYS B 23 -23.51 -14.46 -10.55
N ARG B 24 -24.24 -14.41 -11.67
CA ARG B 24 -24.77 -15.61 -12.30
C ARG B 24 -24.07 -15.80 -13.65
N ALA B 25 -23.56 -16.99 -13.91
CA ALA B 25 -22.90 -17.29 -15.18
C ALA B 25 -23.86 -17.99 -16.13
N SER B 26 -23.69 -17.74 -17.43
CA SER B 26 -24.60 -18.31 -18.41
C SER B 26 -24.42 -19.82 -18.53
N GLU B 27 -23.24 -20.33 -18.18
CA GLU B 27 -22.96 -21.76 -18.12
C GLU B 27 -21.80 -21.94 -17.15
N SER B 28 -21.45 -23.21 -16.91
CA SER B 28 -20.56 -23.54 -15.80
C SER B 28 -19.17 -22.92 -15.98
N VAL B 29 -18.65 -22.35 -14.90
CA VAL B 29 -17.28 -21.87 -14.87
C VAL B 29 -16.37 -22.83 -14.10
N ASP B 30 -16.80 -24.06 -13.88
CA ASP B 30 -16.05 -25.04 -13.09
C ASP B 30 -15.17 -25.91 -13.97
N SER B 31 -13.90 -26.07 -13.56
CA SER B 31 -12.93 -26.95 -14.23
C SER B 31 -12.14 -27.70 -13.17
N TYR B 32 -12.10 -29.04 -13.29
CA TYR B 32 -11.50 -29.97 -12.35
C TYR B 32 -11.51 -29.52 -10.89
N GLY B 33 -12.70 -29.36 -10.32
CA GLY B 33 -12.81 -29.11 -8.90
C GLY B 33 -12.57 -27.68 -8.46
N ASN B 34 -12.46 -26.74 -9.40
CA ASN B 34 -12.31 -25.33 -9.06
C ASN B 34 -13.29 -24.51 -9.88
N SER B 35 -13.72 -23.38 -9.32
CA SER B 35 -14.60 -22.45 -10.00
C SER B 35 -13.77 -21.25 -10.44
N PHE B 36 -13.74 -21.00 -11.75
CA PHE B 36 -12.87 -19.96 -12.30
C PHE B 36 -13.66 -18.64 -12.34
N MET B 37 -14.00 -18.19 -11.14
CA MET B 37 -14.75 -16.97 -10.87
C MET B 37 -13.96 -16.16 -9.85
N HIS B 38 -13.90 -14.84 -10.04
CA HIS B 38 -13.04 -13.97 -9.22
C HIS B 38 -13.75 -12.64 -9.03
N TRP B 39 -13.40 -11.94 -7.95
CA TRP B 39 -14.09 -10.69 -7.61
C TRP B 39 -13.11 -9.55 -7.45
N TYR B 40 -13.48 -8.38 -8.00
CA TYR B 40 -12.67 -7.18 -7.92
C TYR B 40 -13.46 -6.03 -7.31
N GLN B 41 -12.74 -5.14 -6.62
CA GLN B 41 -13.30 -3.92 -6.06
C GLN B 41 -12.73 -2.72 -6.83
N GLN B 42 -13.56 -1.75 -7.16
CA GLN B 42 -13.04 -0.53 -7.79
C GLN B 42 -13.61 0.69 -7.06
N LYS B 43 -12.73 1.43 -6.42
CA LYS B 43 -12.99 2.73 -5.81
C LYS B 43 -12.86 3.86 -6.83
N PRO B 44 -13.56 4.98 -6.60
CA PRO B 44 -13.55 6.07 -7.60
C PRO B 44 -12.13 6.53 -7.94
N GLY B 45 -11.87 6.68 -9.24
CA GLY B 45 -10.58 7.14 -9.71
C GLY B 45 -9.42 6.19 -9.51
N GLN B 46 -9.69 4.92 -9.21
CA GLN B 46 -8.65 3.92 -9.01
C GLN B 46 -8.85 2.76 -9.96
N PRO B 47 -7.80 2.01 -10.26
CA PRO B 47 -7.97 0.74 -10.97
C PRO B 47 -8.65 -0.29 -10.07
N PRO B 48 -9.21 -1.34 -10.66
CA PRO B 48 -9.73 -2.44 -9.85
C PRO B 48 -8.64 -3.12 -9.03
N LYS B 49 -9.08 -3.80 -7.98
CA LYS B 49 -8.23 -4.51 -7.04
C LYS B 49 -8.80 -5.90 -6.76
N LEU B 50 -7.98 -6.93 -6.87
CA LEU B 50 -8.48 -8.29 -6.65
C LEU B 50 -8.82 -8.54 -5.19
N LEU B 51 -10.01 -9.09 -4.93
CA LEU B 51 -10.45 -9.45 -3.59
C LEU B 51 -10.45 -10.96 -3.33
N ILE B 52 -11.10 -11.71 -4.21
CA ILE B 52 -11.39 -13.14 -4.02
C ILE B 52 -11.01 -13.86 -5.30
N TYR B 53 -10.30 -14.98 -5.19
CA TYR B 53 -9.95 -15.78 -6.35
C TYR B 53 -10.48 -17.20 -6.20
N LEU B 54 -10.77 -17.83 -7.35
CA LEU B 54 -11.35 -19.17 -7.41
C LEU B 54 -12.54 -19.31 -6.45
N ALA B 55 -13.46 -18.36 -6.57
CA ALA B 55 -14.76 -18.32 -5.89
C ALA B 55 -14.70 -18.04 -4.40
N SER B 56 -13.74 -18.62 -3.66
CA SER B 56 -13.81 -18.53 -2.20
C SER B 56 -12.49 -18.24 -1.51
N ASN B 57 -11.44 -17.89 -2.24
CA ASN B 57 -10.12 -17.69 -1.63
C ASN B 57 -9.82 -16.22 -1.45
N LEU B 58 -9.51 -15.83 -0.21
CA LEU B 58 -9.17 -14.45 0.12
C LEU B 58 -7.78 -14.10 -0.38
N GLU B 59 -7.66 -13.06 -1.20
CA GLU B 59 -6.35 -12.64 -1.66
C GLU B 59 -5.53 -12.06 -0.50
N SER B 60 -4.22 -12.32 -0.55
CA SER B 60 -3.29 -11.80 0.45
C SER B 60 -3.47 -10.30 0.62
N GLY B 61 -3.56 -9.85 1.87
CA GLY B 61 -3.73 -8.45 2.17
C GLY B 61 -5.16 -7.97 2.27
N VAL B 62 -6.13 -8.73 1.77
CA VAL B 62 -7.53 -8.30 1.79
C VAL B 62 -8.11 -8.60 3.17
N PRO B 63 -8.85 -7.65 3.77
CA PRO B 63 -9.43 -7.90 5.09
C PRO B 63 -10.35 -9.10 5.11
N ALA B 64 -10.40 -9.77 6.27
CA ALA B 64 -11.16 -10.99 6.44
C ALA B 64 -12.67 -10.79 6.44
N ARG B 65 -13.15 -9.54 6.49
CA ARG B 65 -14.59 -9.32 6.36
C ARG B 65 -15.10 -9.60 4.95
N PHE B 66 -14.21 -9.80 3.99
CA PHE B 66 -14.57 -10.17 2.63
C PHE B 66 -14.57 -11.69 2.47
N SER B 67 -15.59 -12.21 1.81
CA SER B 67 -15.61 -13.65 1.52
C SER B 67 -16.39 -13.89 0.24
N GLY B 68 -16.20 -15.10 -0.31
CA GLY B 68 -16.92 -15.49 -1.51
C GLY B 68 -17.36 -16.93 -1.41
N SER B 69 -18.45 -17.26 -2.11
CA SER B 69 -18.96 -18.62 -2.08
C SER B 69 -19.70 -18.90 -3.39
N GLY B 70 -19.83 -20.18 -3.73
CA GLY B 70 -20.59 -20.57 -4.88
C GLY B 70 -19.89 -21.63 -5.71
N SER B 71 -20.61 -22.10 -6.73
CA SER B 71 -20.08 -23.08 -7.67
C SER B 71 -20.97 -23.06 -8.92
N ARG B 72 -20.45 -23.69 -9.98
CA ARG B 72 -21.17 -23.90 -11.23
C ARG B 72 -21.57 -22.59 -11.91
N THR B 73 -22.80 -22.13 -11.68
CA THR B 73 -23.26 -20.89 -12.28
C THR B 73 -23.69 -19.81 -11.29
N ASP B 74 -23.64 -20.07 -9.98
CA ASP B 74 -24.13 -19.12 -8.98
C ASP B 74 -23.05 -18.80 -7.97
N PHE B 75 -22.75 -17.50 -7.79
CA PHE B 75 -21.67 -17.05 -6.92
C PHE B 75 -22.10 -15.82 -6.15
N THR B 76 -21.53 -15.66 -4.95
CA THR B 76 -21.80 -14.49 -4.13
C THR B 76 -20.50 -13.93 -3.57
N LEU B 77 -20.50 -12.62 -3.32
CA LEU B 77 -19.47 -11.93 -2.54
C LEU B 77 -20.15 -11.37 -1.30
N THR B 78 -19.53 -11.55 -0.13
CA THR B 78 -20.12 -11.07 1.11
C THR B 78 -19.12 -10.18 1.84
N ILE B 79 -19.62 -9.06 2.36
CA ILE B 79 -18.85 -8.13 3.19
C ILE B 79 -19.58 -8.02 4.52
N ASP B 80 -18.92 -8.42 5.60
CA ASP B 80 -19.57 -8.38 6.90
C ASP B 80 -18.50 -8.31 7.98
N PRO B 81 -18.40 -7.21 8.72
CA PRO B 81 -19.28 -6.03 8.63
C PRO B 81 -18.79 -4.98 7.63
N VAL B 82 -19.74 -4.27 7.00
CA VAL B 82 -19.39 -3.23 6.03
C VAL B 82 -18.78 -2.04 6.75
N GLU B 83 -17.78 -1.41 6.12
CA GLU B 83 -17.12 -0.20 6.61
C GLU B 83 -17.26 0.91 5.57
N ALA B 84 -17.04 2.16 6.00
CA ALA B 84 -17.21 3.28 5.07
C ALA B 84 -16.33 3.13 3.83
N ASP B 85 -15.14 2.58 3.98
CA ASP B 85 -14.20 2.45 2.88
C ASP B 85 -14.67 1.45 1.83
N ASP B 86 -15.74 0.71 2.09
CA ASP B 86 -16.21 -0.27 1.12
C ASP B 86 -17.14 0.33 0.07
N ALA B 87 -17.43 1.63 0.16
CA ALA B 87 -18.16 2.35 -0.88
C ALA B 87 -17.40 2.25 -2.20
N ALA B 88 -17.93 1.50 -3.15
CA ALA B 88 -17.20 1.13 -4.35
C ALA B 88 -18.13 0.35 -5.26
N THR B 89 -17.64 0.04 -6.46
CA THR B 89 -18.33 -0.86 -7.39
C THR B 89 -17.57 -2.18 -7.45
N TYR B 90 -18.31 -3.29 -7.46
CA TYR B 90 -17.71 -4.61 -7.39
C TYR B 90 -18.02 -5.38 -8.66
N TYR B 91 -17.01 -6.08 -9.18
CA TYR B 91 -17.12 -6.82 -10.45
C TYR B 91 -16.74 -8.29 -10.24
N CYS B 92 -17.58 -9.18 -10.77
CA CYS B 92 -17.15 -10.57 -10.92
C CYS B 92 -16.50 -10.77 -12.29
N GLN B 93 -15.74 -11.84 -12.42
CA GLN B 93 -14.93 -12.05 -13.62
C GLN B 93 -14.65 -13.54 -13.76
N GLN B 94 -14.85 -14.10 -14.95
CA GLN B 94 -14.62 -15.52 -15.17
C GLN B 94 -13.53 -15.75 -16.22
N ASN B 95 -12.83 -16.88 -16.08
CA ASN B 95 -11.86 -17.31 -17.07
C ASN B 95 -11.86 -18.83 -17.21
N ASN B 96 -13.05 -19.42 -17.32
CA ASN B 96 -13.19 -20.82 -17.67
C ASN B 96 -13.12 -21.06 -19.18
N GLY B 97 -13.33 -20.02 -19.97
CA GLY B 97 -12.96 -20.05 -21.38
C GLY B 97 -12.28 -18.74 -21.72
N VAL B 98 -11.64 -18.71 -22.88
CA VAL B 98 -11.30 -17.43 -23.48
C VAL B 98 -12.44 -17.12 -24.43
N PRO B 99 -12.94 -15.88 -24.48
CA PRO B 99 -12.40 -14.73 -23.76
C PRO B 99 -12.74 -14.68 -22.27
N TRP B 100 -11.85 -14.08 -21.49
CA TRP B 100 -12.21 -13.68 -20.14
C TRP B 100 -13.32 -12.63 -20.23
N THR B 101 -14.26 -12.64 -19.28
CA THR B 101 -15.34 -11.67 -19.29
C THR B 101 -15.64 -11.19 -17.88
N PHE B 102 -16.23 -10.00 -17.81
CA PHE B 102 -16.65 -9.36 -16.56
C PHE B 102 -18.17 -9.30 -16.48
N GLY B 103 -18.69 -9.41 -15.25
CA GLY B 103 -20.05 -8.96 -15.01
C GLY B 103 -20.16 -7.44 -15.10
N GLY B 104 -21.39 -6.95 -15.10
CA GLY B 104 -21.63 -5.53 -15.36
C GLY B 104 -21.39 -4.61 -14.18
N GLY B 105 -21.13 -5.17 -13.01
CA GLY B 105 -20.80 -4.37 -11.84
C GLY B 105 -22.00 -4.15 -10.92
N THR B 106 -21.71 -4.01 -9.62
CA THR B 106 -22.70 -3.71 -8.59
C THR B 106 -22.12 -2.59 -7.73
N LYS B 107 -22.86 -1.49 -7.58
CA LYS B 107 -22.40 -0.37 -6.77
C LYS B 107 -22.91 -0.53 -5.34
N LEU B 108 -22.00 -0.53 -4.38
CA LEU B 108 -22.36 -0.55 -2.96
C LEU B 108 -22.35 0.87 -2.41
N GLU B 109 -23.52 1.35 -1.99
CA GLU B 109 -23.65 2.60 -1.24
C GLU B 109 -23.67 2.27 0.25
N ILE B 110 -23.00 3.11 1.03
CA ILE B 110 -23.02 3.01 2.47
C ILE B 110 -24.16 3.86 3.00
N LYS B 111 -25.06 3.26 3.76
CA LYS B 111 -26.15 4.00 4.39
C LYS B 111 -25.65 4.64 5.67
N ARG B 112 -25.87 5.94 5.81
CA ARG B 112 -25.51 6.69 7.01
C ARG B 112 -26.70 7.57 7.38
N ALA B 113 -26.57 8.27 8.50
CA ALA B 113 -27.62 9.18 8.94
C ALA B 113 -27.75 10.33 7.95
N ASP B 114 -28.99 10.81 7.80
CA ASP B 114 -29.25 11.95 6.92
C ASP B 114 -28.39 13.15 7.34
N ALA B 115 -27.94 13.92 6.36
CA ALA B 115 -27.08 15.07 6.59
C ALA B 115 -27.48 16.19 5.66
N ALA B 116 -27.63 17.40 6.22
CA ALA B 116 -28.00 18.52 5.38
C ALA B 116 -26.78 19.07 4.64
N PRO B 117 -26.97 19.58 3.42
CA PRO B 117 -25.84 20.14 2.68
C PRO B 117 -25.41 21.49 3.24
N THR B 118 -24.13 21.78 3.07
CA THR B 118 -23.55 23.10 3.31
C THR B 118 -23.43 23.77 1.95
N VAL B 119 -24.11 24.91 1.78
CA VAL B 119 -24.25 25.56 0.48
C VAL B 119 -23.41 26.84 0.43
N SER B 120 -22.69 27.04 -0.67
CA SER B 120 -21.89 28.23 -0.91
C SER B 120 -22.05 28.69 -2.34
N ILE B 121 -22.16 29.99 -2.56
CA ILE B 121 -22.37 30.54 -3.90
C ILE B 121 -21.21 31.45 -4.28
N PHE B 122 -20.84 31.42 -5.56
CA PHE B 122 -19.65 32.13 -6.06
C PHE B 122 -19.99 32.93 -7.29
N PRO B 123 -19.89 34.25 -7.26
CA PRO B 123 -20.03 35.07 -8.47
C PRO B 123 -18.91 34.77 -9.46
N PRO B 124 -19.09 35.14 -10.73
CA PRO B 124 -18.00 35.02 -11.70
C PRO B 124 -16.73 35.69 -11.18
N SER B 125 -15.59 35.08 -11.47
CA SER B 125 -14.31 35.71 -11.18
C SER B 125 -14.09 36.94 -12.06
N SER B 126 -13.32 37.90 -11.53
CA SER B 126 -12.91 39.04 -12.33
C SER B 126 -12.22 38.58 -13.61
N GLU B 127 -11.42 37.52 -13.53
CA GLU B 127 -10.69 37.04 -14.68
C GLU B 127 -11.63 36.50 -15.75
N GLN B 128 -12.69 35.79 -15.36
CA GLN B 128 -13.63 35.30 -16.36
C GLN B 128 -14.37 36.46 -17.02
N LEU B 129 -14.77 37.46 -16.23
CA LEU B 129 -15.51 38.59 -16.78
C LEU B 129 -14.64 39.36 -17.77
N THR B 130 -13.36 39.56 -17.42
CA THR B 130 -12.45 40.26 -18.33
C THR B 130 -12.30 39.51 -19.64
N SER B 131 -12.53 38.20 -19.63
CA SER B 131 -12.45 37.36 -20.81
C SER B 131 -13.76 37.30 -21.59
N GLY B 132 -14.83 37.91 -21.08
CA GLY B 132 -16.11 37.93 -21.77
C GLY B 132 -17.10 36.85 -21.37
N GLY B 133 -16.87 36.14 -20.26
CA GLY B 133 -17.75 35.08 -19.83
C GLY B 133 -18.27 35.34 -18.42
N ALA B 134 -19.24 34.52 -18.01
CA ALA B 134 -19.81 34.66 -16.67
C ALA B 134 -20.44 33.34 -16.22
N SER B 135 -19.82 32.70 -15.24
CA SER B 135 -20.37 31.51 -14.63
C SER B 135 -20.62 31.79 -13.15
N VAL B 136 -21.79 31.35 -12.66
CA VAL B 136 -22.11 31.40 -11.23
C VAL B 136 -22.11 29.96 -10.72
N VAL B 137 -21.39 29.72 -9.63
CA VAL B 137 -21.16 28.36 -9.14
C VAL B 137 -21.75 28.23 -7.74
N CYS B 138 -22.44 27.11 -7.51
CA CYS B 138 -23.02 26.79 -6.22
C CYS B 138 -22.57 25.40 -5.81
N PHE B 139 -21.95 25.28 -4.63
CA PHE B 139 -21.55 23.98 -4.09
C PHE B 139 -22.54 23.56 -3.01
N LEU B 140 -22.99 22.30 -3.07
CA LEU B 140 -23.89 21.71 -2.08
C LEU B 140 -23.13 20.53 -1.52
N ASN B 141 -22.53 20.67 -0.33
CA ASN B 141 -21.48 19.76 0.10
C ASN B 141 -21.87 18.93 1.31
N ASN B 142 -21.43 17.67 1.31
CA ASN B 142 -21.46 16.76 2.45
C ASN B 142 -22.88 16.50 2.95
N PHE B 143 -23.72 15.99 2.04
CA PHE B 143 -25.10 15.69 2.36
C PHE B 143 -25.42 14.21 2.13
N TYR B 144 -26.54 13.76 2.70
CA TYR B 144 -27.02 12.40 2.54
C TYR B 144 -28.50 12.39 2.87
N PRO B 145 -29.36 11.71 2.09
CA PRO B 145 -29.02 10.89 0.92
C PRO B 145 -28.69 11.68 -0.34
N LYS B 146 -28.41 10.96 -1.43
CA LYS B 146 -27.88 11.56 -2.65
C LYS B 146 -28.90 12.43 -3.37
N ASP B 147 -30.20 12.15 -3.21
CA ASP B 147 -31.20 12.91 -3.95
C ASP B 147 -31.29 14.33 -3.43
N ILE B 148 -31.20 15.29 -4.35
CA ILE B 148 -31.24 16.70 -4.00
C ILE B 148 -31.68 17.45 -5.25
N ASN B 149 -32.25 18.63 -5.05
CA ASN B 149 -32.65 19.47 -6.16
C ASN B 149 -32.09 20.86 -5.98
N VAL B 150 -31.63 21.47 -7.07
CA VAL B 150 -31.15 22.84 -7.07
C VAL B 150 -32.03 23.64 -8.01
N LYS B 151 -32.46 24.81 -7.55
CA LYS B 151 -33.19 25.76 -8.37
C LYS B 151 -32.40 27.07 -8.40
N TRP B 152 -32.20 27.61 -9.60
CA TRP B 152 -31.55 28.91 -9.77
C TRP B 152 -32.61 29.98 -10.01
N LYS B 153 -32.40 31.14 -9.39
CA LYS B 153 -33.24 32.30 -9.66
C LYS B 153 -32.37 33.50 -10.04
N ILE B 154 -32.82 34.24 -11.04
CA ILE B 154 -32.19 35.47 -11.48
C ILE B 154 -33.21 36.58 -11.33
N ASP B 155 -32.89 37.59 -10.50
CA ASP B 155 -33.84 38.66 -10.17
C ASP B 155 -35.18 38.08 -9.72
N GLY B 156 -35.13 36.96 -8.99
CA GLY B 156 -36.33 36.33 -8.48
C GLY B 156 -37.06 35.40 -9.43
N SER B 157 -36.61 35.24 -10.67
CA SER B 157 -37.27 34.39 -11.65
C SER B 157 -36.46 33.11 -11.86
N GLU B 158 -37.14 31.97 -11.87
CA GLU B 158 -36.48 30.69 -12.07
C GLU B 158 -35.77 30.65 -13.43
N ARG B 159 -34.55 30.11 -13.42
CA ARG B 159 -33.75 29.93 -14.63
C ARG B 159 -33.26 28.49 -14.68
N GLN B 160 -33.59 27.78 -15.75
CA GLN B 160 -33.10 26.42 -15.94
C GLN B 160 -32.14 26.28 -17.11
N ASN B 161 -32.31 27.09 -18.15
CA ASN B 161 -31.39 27.07 -19.28
C ASN B 161 -29.97 27.44 -18.83
N GLY B 162 -29.00 26.60 -19.20
CA GLY B 162 -27.60 26.90 -18.94
C GLY B 162 -27.08 26.39 -17.61
N VAL B 163 -27.81 25.50 -16.93
CA VAL B 163 -27.38 24.96 -15.64
C VAL B 163 -26.79 23.58 -15.86
N LEU B 164 -25.58 23.37 -15.34
CA LEU B 164 -24.90 22.08 -15.39
C LEU B 164 -24.67 21.58 -13.97
N ASN B 165 -25.13 20.36 -13.68
CA ASN B 165 -25.01 19.76 -12.35
C ASN B 165 -24.10 18.53 -12.40
N SER B 166 -23.37 18.31 -11.32
CA SER B 166 -22.44 17.18 -11.24
C SER B 166 -22.34 16.70 -9.80
N TRP B 167 -22.48 15.39 -9.60
CA TRP B 167 -22.39 14.77 -8.27
C TRP B 167 -21.05 14.06 -8.11
N THR B 168 -20.46 14.19 -6.91
CA THR B 168 -19.33 13.34 -6.58
C THR B 168 -19.77 11.90 -6.36
N ASP B 169 -18.80 11.00 -6.39
CA ASP B 169 -19.03 9.68 -5.84
C ASP B 169 -19.12 9.78 -4.32
N GLN B 170 -19.60 8.72 -3.68
CA GLN B 170 -19.76 8.73 -2.23
C GLN B 170 -18.42 8.82 -1.52
N ASP B 171 -18.35 9.66 -0.48
CA ASP B 171 -17.11 9.84 0.26
C ASP B 171 -16.71 8.57 1.00
N SER B 172 -15.44 8.16 0.85
CA SER B 172 -14.97 6.91 1.45
C SER B 172 -14.80 7.00 2.95
N LYS B 173 -14.87 8.19 3.55
CA LYS B 173 -14.69 8.33 4.98
C LYS B 173 -15.96 8.71 5.72
N ASP B 174 -16.70 9.71 5.25
CA ASP B 174 -17.90 10.14 5.97
C ASP B 174 -19.20 9.75 5.26
N SER B 175 -19.12 9.05 4.14
CA SER B 175 -20.26 8.47 3.43
C SER B 175 -21.24 9.51 2.90
N THR B 176 -20.82 10.76 2.72
CA THR B 176 -21.72 11.76 2.16
C THR B 176 -21.49 11.93 0.67
N TYR B 177 -22.36 12.72 0.05
CA TYR B 177 -22.23 13.16 -1.33
C TYR B 177 -22.13 14.68 -1.36
N SER B 178 -21.54 15.19 -2.44
CA SER B 178 -21.54 16.61 -2.73
C SER B 178 -21.95 16.81 -4.18
N MET B 179 -22.45 18.00 -4.47
CA MET B 179 -22.83 18.31 -5.84
C MET B 179 -22.48 19.75 -6.15
N SER B 180 -22.08 20.00 -7.39
CA SER B 180 -21.82 21.34 -7.89
C SER B 180 -22.85 21.67 -8.96
N SER B 181 -23.37 22.89 -8.93
CA SER B 181 -24.31 23.39 -9.92
C SER B 181 -23.75 24.68 -10.48
N THR B 182 -23.55 24.73 -11.80
CA THR B 182 -22.96 25.89 -12.46
C THR B 182 -23.97 26.50 -13.42
N LEU B 183 -24.33 27.75 -13.19
CA LEU B 183 -25.16 28.52 -14.11
C LEU B 183 -24.24 29.33 -15.01
N THR B 184 -24.22 29.01 -16.30
CA THR B 184 -23.38 29.76 -17.22
C THR B 184 -24.24 30.65 -18.11
N LEU B 185 -23.87 31.93 -18.14
CA LEU B 185 -24.55 32.95 -18.92
C LEU B 185 -23.47 33.65 -19.75
N THR B 186 -23.92 34.39 -20.76
CA THR B 186 -22.99 35.33 -21.37
C THR B 186 -22.77 36.49 -20.43
N LYS B 187 -21.60 37.12 -20.53
CA LYS B 187 -21.35 38.30 -19.72
C LYS B 187 -22.40 39.38 -20.01
N ASP B 188 -22.80 39.50 -21.27
CA ASP B 188 -23.87 40.45 -21.65
C ASP B 188 -25.11 40.26 -20.78
N GLU B 189 -25.59 39.02 -20.68
CA GLU B 189 -26.82 38.79 -19.90
C GLU B 189 -26.57 38.85 -18.41
N TYR B 190 -25.40 38.36 -17.94
CA TYR B 190 -25.10 38.45 -16.51
C TYR B 190 -25.17 39.88 -16.00
N GLU B 191 -24.66 40.82 -16.79
CA GLU B 191 -24.57 42.21 -16.38
C GLU B 191 -25.85 42.98 -16.64
N ARG B 192 -26.93 42.30 -16.97
CA ARG B 192 -28.23 42.95 -17.06
C ARG B 192 -29.19 42.47 -15.97
N HIS B 193 -28.67 41.85 -14.92
CA HIS B 193 -29.48 41.43 -13.79
C HIS B 193 -28.73 41.75 -12.50
N ASN B 194 -29.45 41.76 -11.39
CA ASN B 194 -28.84 42.19 -10.14
C ASN B 194 -28.68 41.09 -9.11
N SER B 195 -29.64 40.18 -9.01
CA SER B 195 -29.63 39.19 -7.93
C SER B 195 -29.53 37.78 -8.48
N TYR B 196 -28.72 36.96 -7.83
CA TYR B 196 -28.48 35.58 -8.25
C TYR B 196 -28.62 34.69 -7.03
N THR B 197 -29.42 33.62 -7.17
CA THR B 197 -29.82 32.78 -6.04
C THR B 197 -29.70 31.30 -6.42
N CYS B 198 -29.11 30.52 -5.52
CA CYS B 198 -29.04 29.07 -5.58
C CYS B 198 -29.91 28.53 -4.44
N GLU B 199 -30.90 27.69 -4.76
CA GLU B 199 -31.81 27.14 -3.75
C GLU B 199 -31.71 25.62 -3.72
N ALA B 200 -31.39 25.06 -2.54
CA ALA B 200 -31.19 23.62 -2.39
C ALA B 200 -32.38 23.01 -1.65
N THR B 201 -33.04 22.02 -2.28
CA THR B 201 -34.13 21.28 -1.65
C THR B 201 -33.65 19.87 -1.31
N HIS B 202 -33.75 19.50 -0.03
CA HIS B 202 -33.25 18.23 0.47
C HIS B 202 -34.16 17.78 1.60
N LYS B 203 -34.27 16.45 1.79
CA LYS B 203 -35.24 15.94 2.76
C LYS B 203 -34.91 16.36 4.21
N THR B 204 -33.67 16.80 4.48
CA THR B 204 -33.20 16.97 5.85
C THR B 204 -33.81 18.16 6.58
N SER B 205 -34.20 19.18 5.88
CA SER B 205 -34.65 20.37 6.55
C SER B 205 -36.04 20.61 6.06
N THR B 206 -36.78 21.38 6.84
CA THR B 206 -37.85 22.07 6.15
C THR B 206 -37.12 23.12 5.28
N SER B 207 -37.41 24.41 5.46
CA SER B 207 -36.75 25.50 4.76
C SER B 207 -35.80 25.06 3.66
N PRO B 208 -36.05 25.41 2.40
CA PRO B 208 -34.98 25.27 1.40
C PRO B 208 -33.78 26.10 1.83
N ILE B 209 -32.59 25.61 1.52
CA ILE B 209 -31.37 26.33 1.86
C ILE B 209 -31.06 27.27 0.71
N VAL B 210 -30.99 28.56 1.01
CA VAL B 210 -30.88 29.60 -0.01
C VAL B 210 -29.56 30.34 0.19
N LYS B 211 -28.79 30.48 -0.89
CA LYS B 211 -27.65 31.38 -0.90
C LYS B 211 -27.79 32.32 -2.08
N SER B 212 -27.50 33.59 -1.87
CA SER B 212 -27.78 34.62 -2.86
C SER B 212 -26.73 35.72 -2.76
N PHE B 213 -26.61 36.50 -3.83
CA PHE B 213 -25.85 37.74 -3.76
C PHE B 213 -26.44 38.75 -4.74
N ASN B 214 -26.10 40.00 -4.51
CA ASN B 214 -26.42 41.10 -5.41
C ASN B 214 -25.17 41.55 -6.13
N ARG B 215 -25.27 41.77 -7.43
CA ARG B 215 -24.19 42.39 -8.17
C ARG B 215 -24.00 43.81 -7.64
N ASN B 216 -22.77 44.12 -7.25
CA ASN B 216 -22.40 45.45 -6.76
C ASN B 216 -20.90 45.62 -6.94
N GLU B 217 -20.46 46.88 -6.92
CA GLU B 217 -19.04 47.17 -6.79
C GLU B 217 -18.50 46.61 -5.48
N GLN C 1 32.48 -16.97 11.04
CA GLN C 1 32.73 -18.36 10.68
C GLN C 1 32.11 -18.69 9.32
N VAL C 2 30.97 -18.08 9.01
CA VAL C 2 30.32 -18.25 7.72
C VAL C 2 29.71 -16.90 7.32
N LYS C 3 30.00 -16.42 6.12
CA LYS C 3 29.52 -15.09 5.75
C LYS C 3 29.16 -15.01 4.27
N LEU C 4 27.92 -14.60 4.01
CA LEU C 4 27.39 -14.48 2.66
C LEU C 4 27.66 -13.11 2.07
N GLU C 5 27.96 -13.06 0.78
CA GLU C 5 28.17 -11.81 0.06
C GLU C 5 27.52 -11.90 -1.31
N GLU C 6 26.90 -10.81 -1.75
CA GLU C 6 26.21 -10.83 -3.03
C GLU C 6 25.80 -9.39 -3.38
N SER C 7 24.98 -9.24 -4.43
CA SER C 7 24.76 -7.97 -5.11
C SER C 7 23.65 -7.13 -4.51
N GLY C 8 22.85 -7.64 -3.59
CA GLY C 8 21.79 -6.85 -2.98
C GLY C 8 20.57 -6.63 -3.86
N LEU C 9 20.81 -6.39 -5.15
CA LEU C 9 19.78 -6.06 -6.13
C LEU C 9 20.01 -6.88 -7.40
N VAL C 10 18.94 -7.45 -7.94
CA VAL C 10 18.98 -8.21 -9.18
C VAL C 10 17.77 -7.83 -10.02
N ALA C 11 17.98 -7.48 -11.28
CA ALA C 11 16.82 -7.16 -12.12
C ALA C 11 16.08 -8.42 -12.53
N PRO C 12 14.77 -8.33 -12.74
CA PRO C 12 13.99 -9.49 -13.21
C PRO C 12 14.62 -10.10 -14.45
N SER C 13 14.68 -11.43 -14.46
CA SER C 13 15.18 -12.30 -15.52
C SER C 13 16.69 -12.48 -15.47
N GLN C 14 17.42 -11.67 -14.69
CA GLN C 14 18.87 -11.82 -14.58
C GLN C 14 19.22 -12.85 -13.52
N SER C 15 20.49 -13.21 -13.46
CA SER C 15 20.98 -14.27 -12.59
C SER C 15 21.52 -13.72 -11.28
N LEU C 16 21.55 -14.60 -10.28
CA LEU C 16 22.02 -14.33 -8.92
C LEU C 16 23.28 -15.14 -8.66
N SER C 17 24.35 -14.49 -8.19
CA SER C 17 25.57 -15.17 -7.79
C SER C 17 25.93 -14.73 -6.38
N ILE C 18 25.89 -15.65 -5.41
CA ILE C 18 26.25 -15.40 -4.02
C ILE C 18 27.47 -16.24 -3.66
N THR C 19 28.32 -15.68 -2.79
CA THR C 19 29.47 -16.41 -2.26
C THR C 19 29.35 -16.53 -0.75
N CYS C 20 29.65 -17.72 -0.25
CA CYS C 20 29.69 -18.00 1.18
C CYS C 20 31.15 -18.23 1.56
N THR C 21 31.75 -17.30 2.30
CA THR C 21 33.13 -17.44 2.74
C THR C 21 33.15 -17.98 4.16
N VAL C 22 33.83 -19.11 4.35
CA VAL C 22 33.87 -19.80 5.63
C VAL C 22 35.26 -19.67 6.23
N SER C 23 35.31 -19.77 7.57
CA SER C 23 36.58 -19.82 8.28
C SER C 23 36.39 -20.68 9.52
N GLY C 24 37.50 -21.23 10.02
CA GLY C 24 37.44 -22.04 11.22
C GLY C 24 37.14 -23.50 10.98
N PHE C 25 36.90 -23.91 9.74
CA PHE C 25 36.73 -25.30 9.41
C PHE C 25 37.08 -25.46 7.94
N SER C 26 37.28 -26.70 7.53
CA SER C 26 37.70 -27.00 6.17
C SER C 26 36.51 -27.52 5.36
N LEU C 27 36.34 -26.98 4.15
CA LEU C 27 35.32 -27.51 3.25
C LEU C 27 35.61 -28.93 2.81
N ILE C 28 36.85 -29.40 3.01
CA ILE C 28 37.20 -30.79 2.73
C ILE C 28 36.50 -31.74 3.70
N ARG C 29 36.14 -31.25 4.89
CA ARG C 29 35.57 -32.09 5.92
C ARG C 29 34.09 -31.83 6.19
N TYR C 30 33.52 -30.71 5.72
CA TYR C 30 32.14 -30.37 6.03
C TYR C 30 31.39 -29.95 4.79
N GLY C 31 30.11 -30.38 4.71
CA GLY C 31 29.24 -29.86 3.68
C GLY C 31 28.70 -28.48 4.04
N VAL C 32 28.17 -27.77 3.05
CA VAL C 32 27.58 -26.46 3.26
C VAL C 32 26.22 -26.41 2.55
N HIS C 33 25.20 -25.94 3.28
CA HIS C 33 23.83 -25.85 2.80
C HIS C 33 23.49 -24.41 2.42
N TRP C 34 22.53 -24.26 1.50
CA TRP C 34 21.93 -22.96 1.20
C TRP C 34 20.45 -23.00 1.55
N VAL C 35 19.97 -21.94 2.20
CA VAL C 35 18.61 -21.83 2.71
C VAL C 35 18.19 -20.38 2.45
N ARG C 36 16.93 -20.18 2.03
CA ARG C 36 16.44 -18.82 1.84
C ARG C 36 15.16 -18.59 2.62
N GLN C 37 14.82 -17.30 2.79
CA GLN C 37 13.67 -16.89 3.59
C GLN C 37 13.10 -15.59 3.04
N PRO C 38 11.98 -15.64 2.33
CA PRO C 38 11.34 -14.41 1.87
C PRO C 38 10.89 -13.57 3.04
N PRO C 39 10.73 -12.26 2.86
CA PRO C 39 10.32 -11.39 3.98
C PRO C 39 9.03 -11.87 4.61
N GLY C 40 9.07 -12.14 5.91
CA GLY C 40 7.90 -12.53 6.66
C GLY C 40 7.44 -13.96 6.45
N LYS C 41 8.19 -14.77 5.70
CA LYS C 41 7.80 -16.13 5.37
C LYS C 41 8.80 -17.13 5.97
N GLY C 42 8.61 -18.42 5.63
CA GLY C 42 9.39 -19.47 6.25
C GLY C 42 10.70 -19.79 5.53
N LEU C 43 11.53 -20.59 6.22
CA LEU C 43 12.77 -21.09 5.64
C LEU C 43 12.48 -22.08 4.52
N GLU C 44 13.28 -22.01 3.45
CA GLU C 44 13.20 -22.94 2.33
C GLU C 44 14.60 -23.42 1.98
N TRP C 45 14.80 -24.75 2.03
CA TRP C 45 16.09 -25.33 1.68
C TRP C 45 16.31 -25.27 0.17
N LEU C 46 17.49 -24.81 -0.24
CA LEU C 46 17.85 -24.70 -1.64
C LEU C 46 18.72 -25.86 -2.12
N GLY C 47 19.66 -26.32 -1.31
CA GLY C 47 20.56 -27.38 -1.73
C GLY C 47 21.78 -27.44 -0.83
N VAL C 48 22.69 -28.32 -1.21
CA VAL C 48 23.87 -28.60 -0.39
C VAL C 48 25.01 -29.00 -1.32
N ILE C 49 26.23 -28.63 -0.98
CA ILE C 49 27.40 -29.27 -1.59
C ILE C 49 28.15 -29.98 -0.47
N TRP C 50 28.25 -31.31 -0.58
CA TRP C 50 28.84 -32.12 0.47
C TRP C 50 30.35 -31.96 0.49
N ALA C 51 30.96 -32.40 1.60
CA ALA C 51 32.42 -32.38 1.74
C ALA C 51 33.11 -32.93 0.51
N GLY C 52 32.63 -34.05 -0.02
CA GLY C 52 33.25 -34.67 -1.17
C GLY C 52 32.97 -34.03 -2.51
N GLY C 53 32.10 -33.02 -2.55
CA GLY C 53 31.91 -32.23 -3.75
C GLY C 53 30.64 -32.51 -4.54
N SER C 54 29.89 -33.56 -4.22
CA SER C 54 28.63 -33.78 -4.92
C SER C 54 27.54 -32.87 -4.35
N THR C 55 26.45 -32.74 -5.08
CA THR C 55 25.42 -31.76 -4.75
C THR C 55 24.03 -32.37 -4.77
N ASN C 56 23.12 -31.81 -3.96
CA ASN C 56 21.70 -32.14 -4.01
C ASN C 56 20.90 -30.85 -3.91
N TYR C 57 19.65 -30.89 -4.39
CA TYR C 57 18.91 -29.65 -4.65
C TYR C 57 17.44 -29.73 -4.25
N ASN C 58 16.89 -28.55 -3.94
CA ASN C 58 15.45 -28.33 -3.91
C ASN C 58 14.83 -28.79 -5.23
N SER C 59 13.73 -29.57 -5.14
CA SER C 59 13.16 -30.17 -6.35
C SER C 59 12.54 -29.13 -7.28
N ALA C 60 11.75 -28.19 -6.73
CA ALA C 60 11.07 -27.22 -7.58
C ALA C 60 12.05 -26.28 -8.26
N LEU C 61 13.21 -26.04 -7.63
CA LEU C 61 14.15 -25.03 -8.09
C LEU C 61 15.38 -25.60 -8.78
N MET C 62 15.53 -26.93 -8.84
CA MET C 62 16.80 -27.50 -9.29
C MET C 62 17.17 -27.05 -10.70
N SER C 63 16.18 -26.87 -11.58
CA SER C 63 16.49 -26.50 -12.96
C SER C 63 17.06 -25.10 -13.08
N ARG C 64 16.98 -24.30 -12.01
CA ARG C 64 17.49 -22.93 -11.96
C ARG C 64 18.70 -22.77 -11.05
N LEU C 65 19.14 -23.83 -10.37
CA LEU C 65 20.15 -23.72 -9.32
C LEU C 65 21.42 -24.46 -9.68
N ARG C 66 22.56 -23.88 -9.31
CA ARG C 66 23.81 -24.62 -9.32
C ARG C 66 24.64 -24.22 -8.11
N ILE C 67 25.08 -25.21 -7.35
CA ILE C 67 25.97 -25.00 -6.20
C ILE C 67 27.33 -25.60 -6.54
N SER C 68 28.39 -24.88 -6.18
CA SER C 68 29.76 -25.29 -6.43
C SER C 68 30.62 -24.72 -5.30
N LYS C 69 31.91 -25.04 -5.29
CA LYS C 69 32.74 -24.54 -4.21
C LYS C 69 34.20 -24.51 -4.63
N ASP C 70 35.00 -23.83 -3.81
CA ASP C 70 36.45 -23.75 -4.00
C ASP C 70 37.07 -24.09 -2.65
N ASN C 71 37.50 -25.35 -2.51
CA ASN C 71 38.07 -25.79 -1.24
C ASN C 71 39.25 -24.92 -0.83
N SER C 72 40.13 -24.59 -1.78
CA SER C 72 41.33 -23.83 -1.46
C SER C 72 41.03 -22.43 -0.97
N LYS C 73 39.94 -21.81 -1.43
CA LYS C 73 39.62 -20.47 -1.00
C LYS C 73 38.57 -20.42 0.11
N SER C 74 38.15 -21.58 0.61
CA SER C 74 37.11 -21.66 1.64
C SER C 74 35.86 -20.90 1.21
N GLN C 75 35.49 -21.05 -0.06
CA GLN C 75 34.31 -20.38 -0.60
C GLN C 75 33.35 -21.40 -1.20
N VAL C 76 32.07 -21.19 -0.95
CA VAL C 76 30.97 -21.94 -1.55
C VAL C 76 30.13 -20.96 -2.35
N PHE C 77 29.70 -21.38 -3.53
CA PHE C 77 29.00 -20.50 -4.46
C PHE C 77 27.60 -20.99 -4.72
N LEU C 78 26.66 -20.06 -4.85
CA LEU C 78 25.33 -20.36 -5.34
C LEU C 78 25.06 -19.52 -6.58
N LYS C 79 24.53 -20.16 -7.62
CA LYS C 79 24.01 -19.45 -8.79
C LYS C 79 22.55 -19.82 -8.99
N MET C 80 21.70 -18.81 -9.18
CA MET C 80 20.30 -19.02 -9.50
C MET C 80 19.98 -18.23 -10.75
N ASN C 81 19.40 -18.89 -11.75
CA ASN C 81 19.11 -18.24 -13.01
C ASN C 81 17.69 -17.68 -13.04
N SER C 82 17.50 -16.68 -13.90
CA SER C 82 16.17 -16.21 -14.29
C SER C 82 15.35 -15.76 -13.08
N LEU C 83 15.92 -14.84 -12.29
CA LEU C 83 15.24 -14.46 -11.06
C LEU C 83 13.91 -13.80 -11.36
N GLN C 84 12.93 -14.12 -10.53
CA GLN C 84 11.60 -13.55 -10.64
C GLN C 84 11.24 -12.84 -9.36
N THR C 85 10.18 -12.06 -9.44
CA THR C 85 9.79 -11.20 -8.33
C THR C 85 9.82 -11.93 -6.99
N ASP C 86 9.32 -13.19 -6.94
CA ASP C 86 9.17 -13.91 -5.66
C ASP C 86 10.46 -14.56 -5.17
N ASP C 87 11.59 -14.33 -5.84
CA ASP C 87 12.90 -14.76 -5.36
C ASP C 87 13.51 -13.77 -4.37
N THR C 88 12.83 -12.65 -4.11
CA THR C 88 13.29 -11.71 -3.09
C THR C 88 13.29 -12.38 -1.72
N ALA C 89 14.45 -12.39 -1.06
CA ALA C 89 14.59 -13.17 0.15
C ALA C 89 15.95 -12.91 0.78
N MET C 90 16.06 -13.33 2.04
CA MET C 90 17.36 -13.49 2.68
C MET C 90 17.92 -14.85 2.27
N TYR C 91 19.19 -14.87 1.89
CA TYR C 91 19.86 -16.10 1.47
C TYR C 91 20.94 -16.43 2.48
N TYR C 92 20.88 -17.64 3.05
CA TYR C 92 21.75 -18.10 4.12
C TYR C 92 22.61 -19.26 3.63
N CYS C 93 23.85 -19.33 4.10
CA CYS C 93 24.59 -20.59 4.05
C CYS C 93 24.78 -21.12 5.47
N ALA C 94 24.87 -22.45 5.58
CA ALA C 94 24.92 -23.10 6.88
C ALA C 94 25.79 -24.34 6.77
N ARG C 95 26.57 -24.61 7.82
CA ARG C 95 27.46 -25.76 7.82
C ARG C 95 26.73 -27.05 8.19
N ASP C 96 27.04 -28.12 7.44
CA ASP C 96 26.56 -29.46 7.73
C ASP C 96 27.41 -30.11 8.82
N ASP C 97 26.76 -30.84 9.74
CA ASP C 97 27.34 -31.42 10.98
C ASP C 97 28.79 -31.13 11.32
N GLU C 104 28.43 -36.99 7.97
CA GLU C 104 27.72 -35.91 7.28
C GLU C 104 26.22 -36.13 7.29
N GLY C 105 25.47 -35.02 7.19
CA GLY C 105 24.07 -35.06 6.84
C GLY C 105 23.07 -35.18 7.96
N TYR C 106 23.34 -34.58 9.12
CA TYR C 106 22.38 -34.62 10.22
C TYR C 106 21.80 -33.27 10.56
N VAL C 107 22.62 -32.23 10.73
CA VAL C 107 22.14 -30.93 11.19
C VAL C 107 22.88 -29.82 10.48
N MET C 108 22.32 -28.61 10.59
CA MET C 108 22.96 -27.37 10.16
C MET C 108 23.37 -26.65 11.44
N ASP C 109 24.64 -26.77 11.83
CA ASP C 109 25.01 -26.38 13.18
C ASP C 109 25.63 -24.99 13.28
N TYR C 110 26.05 -24.37 12.17
CA TYR C 110 26.50 -22.98 12.18
C TYR C 110 25.96 -22.28 10.95
N TRP C 111 25.52 -21.03 11.13
CA TRP C 111 24.84 -20.28 10.08
C TRP C 111 25.51 -18.94 9.87
N GLY C 112 25.50 -18.49 8.62
CA GLY C 112 25.80 -17.10 8.33
C GLY C 112 24.65 -16.19 8.75
N GLN C 113 24.95 -14.89 8.76
CA GLN C 113 23.94 -13.88 9.10
C GLN C 113 22.95 -13.62 7.97
N GLY C 114 23.23 -14.09 6.77
CA GLY C 114 22.35 -13.94 5.63
C GLY C 114 22.75 -12.75 4.76
N THR C 115 22.44 -12.84 3.47
CA THR C 115 22.52 -11.70 2.57
C THR C 115 21.17 -11.46 1.92
N SER C 116 20.74 -10.21 1.88
CA SER C 116 19.44 -9.86 1.31
C SER C 116 19.55 -9.72 -0.20
N VAL C 117 18.57 -10.28 -0.91
CA VAL C 117 18.50 -10.17 -2.36
C VAL C 117 17.12 -9.65 -2.71
N THR C 118 17.08 -8.52 -3.43
CA THR C 118 15.82 -7.92 -3.87
C THR C 118 15.75 -7.95 -5.38
N VAL C 119 14.67 -8.51 -5.91
CA VAL C 119 14.43 -8.56 -7.34
C VAL C 119 13.62 -7.32 -7.71
N SER C 120 14.23 -6.41 -8.46
CA SER C 120 13.60 -5.13 -8.71
C SER C 120 14.25 -4.48 -9.92
N SER C 121 13.47 -3.62 -10.59
CA SER C 121 13.95 -2.78 -11.68
C SER C 121 14.52 -1.45 -11.18
N ALA C 122 14.37 -1.14 -9.90
CA ALA C 122 14.76 0.15 -9.35
C ALA C 122 16.26 0.21 -9.10
N LYS C 123 16.75 1.44 -8.90
CA LYS C 123 18.17 1.69 -8.66
C LYS C 123 18.46 1.83 -7.17
N THR C 124 19.72 1.55 -6.82
CA THR C 124 20.22 1.76 -5.47
C THR C 124 20.16 3.23 -5.08
N THR C 125 19.66 3.51 -3.88
CA THR C 125 19.55 4.87 -3.38
C THR C 125 20.02 4.87 -1.94
N ALA C 126 20.99 5.74 -1.61
CA ALA C 126 21.51 5.81 -0.24
C ALA C 126 20.54 6.56 0.67
N PRO C 127 20.51 6.24 1.95
CA PRO C 127 19.56 6.89 2.86
C PRO C 127 20.01 8.26 3.31
N SER C 128 19.01 9.09 3.63
CA SER C 128 19.22 10.28 4.44
C SER C 128 19.06 9.85 5.90
N VAL C 129 19.96 10.29 6.76
CA VAL C 129 19.94 9.90 8.17
C VAL C 129 19.76 11.16 9.00
N TYR C 130 18.63 11.24 9.73
CA TYR C 130 18.24 12.45 10.44
C TYR C 130 18.27 12.23 11.94
N PRO C 131 18.90 13.13 12.69
CA PRO C 131 18.90 13.02 14.15
C PRO C 131 17.62 13.59 14.73
N LEU C 132 17.04 12.86 15.67
CA LEU C 132 15.80 13.28 16.33
C LEU C 132 16.10 13.61 17.79
N ALA C 133 16.21 14.89 18.08
CA ALA C 133 16.32 15.37 19.44
C ALA C 133 14.96 15.83 19.95
N PRO C 134 14.72 15.80 21.26
CA PRO C 134 13.45 16.30 21.80
C PRO C 134 13.25 17.77 21.44
N GLY C 135 11.99 18.20 21.48
CA GLY C 135 11.69 19.59 21.18
C GLY C 135 12.47 20.53 22.06
N SER C 136 12.78 21.71 21.51
CA SER C 136 13.60 22.70 22.22
C SER C 136 13.10 22.89 23.64
N ALA C 137 13.95 22.51 24.60
CA ALA C 137 13.62 22.51 26.04
C ALA C 137 12.43 21.60 26.35
N ALA C 138 12.35 20.44 25.68
CA ALA C 138 11.33 19.47 26.04
C ALA C 138 11.72 18.66 27.26
N GLN C 139 13.02 18.54 27.54
CA GLN C 139 13.55 17.72 28.62
C GLN C 139 12.88 18.03 29.96
N THR C 140 12.53 16.96 30.71
CA THR C 140 12.01 17.11 32.06
C THR C 140 12.26 15.90 32.95
N ASN C 141 11.68 14.74 32.63
CA ASN C 141 11.64 13.63 33.58
C ASN C 141 12.98 12.93 33.75
N SER C 142 12.97 11.72 34.29
CA SER C 142 14.21 11.05 34.69
C SER C 142 14.93 10.39 33.52
N MET C 143 14.20 10.05 32.47
CA MET C 143 14.78 9.48 31.26
C MET C 143 14.57 10.47 30.12
N VAL C 144 15.40 10.33 29.09
CA VAL C 144 15.22 11.08 27.85
C VAL C 144 15.34 10.10 26.70
N THR C 145 14.51 10.29 25.68
CA THR C 145 14.51 9.43 24.50
C THR C 145 14.98 10.24 23.30
N LEU C 146 15.87 9.64 22.51
CA LEU C 146 16.39 10.23 21.29
C LEU C 146 16.04 9.30 20.13
N GLY C 147 16.14 9.82 18.91
CA GLY C 147 15.73 9.06 17.75
C GLY C 147 16.67 9.26 16.57
N CYS C 148 16.52 8.36 15.61
CA CYS C 148 17.29 8.38 14.38
C CYS C 148 16.33 7.97 13.27
N LEU C 149 16.19 8.80 12.22
CA LEU C 149 15.28 8.50 11.12
C LEU C 149 16.12 8.24 9.88
N VAL C 150 15.92 7.06 9.27
CA VAL C 150 16.67 6.62 8.11
C VAL C 150 15.69 6.59 6.94
N LYS C 151 15.77 7.59 6.06
CA LYS C 151 14.70 7.84 5.10
C LYS C 151 15.20 7.71 3.67
N GLY C 152 14.41 7.03 2.84
CA GLY C 152 14.56 7.13 1.40
C GLY C 152 15.65 6.28 0.78
N TYR C 153 15.82 5.05 1.25
CA TYR C 153 16.86 4.18 0.72
C TYR C 153 16.27 2.98 -0.01
N PHE C 154 17.13 2.35 -0.81
CA PHE C 154 16.78 1.15 -1.54
C PHE C 154 18.03 0.46 -2.05
N PRO C 155 18.13 -0.87 -1.97
CA PRO C 155 17.17 -1.80 -1.38
C PRO C 155 17.47 -2.03 0.10
N GLU C 156 16.73 -2.93 0.75
CA GLU C 156 17.10 -3.39 2.07
C GLU C 156 18.45 -4.11 2.00
N PRO C 157 19.20 -4.18 3.09
CA PRO C 157 18.91 -3.62 4.41
C PRO C 157 19.79 -2.41 4.74
N VAL C 158 19.51 -1.82 5.90
CA VAL C 158 20.48 -0.98 6.60
C VAL C 158 20.77 -1.67 7.93
N THR C 159 21.93 -1.38 8.47
CA THR C 159 22.22 -1.75 9.86
C THR C 159 22.35 -0.47 10.68
N VAL C 160 21.81 -0.50 11.89
CA VAL C 160 21.76 0.68 12.75
C VAL C 160 22.28 0.30 14.12
N THR C 161 23.23 1.09 14.63
CA THR C 161 23.70 0.97 16.01
C THR C 161 23.70 2.34 16.67
N TRP C 162 23.84 2.34 17.99
CA TRP C 162 24.03 3.55 18.77
C TRP C 162 25.40 3.51 19.44
N ASN C 163 26.16 4.60 19.30
CA ASN C 163 27.53 4.70 19.83
C ASN C 163 28.38 3.50 19.44
N SER C 164 28.29 3.11 18.17
CA SER C 164 29.05 1.99 17.60
C SER C 164 28.75 0.68 18.32
N GLY C 165 27.56 0.57 18.91
CA GLY C 165 27.13 -0.64 19.57
C GLY C 165 27.27 -0.62 21.08
N SER C 166 27.91 0.41 21.66
CA SER C 166 28.08 0.43 23.11
C SER C 166 26.79 0.76 23.84
N LEU C 167 25.82 1.41 23.17
CA LEU C 167 24.48 1.58 23.72
C LEU C 167 23.55 0.57 23.06
N SER C 168 23.06 -0.39 23.83
CA SER C 168 22.21 -1.45 23.30
C SER C 168 20.95 -1.66 24.12
N SER C 169 21.02 -1.53 25.44
CA SER C 169 19.82 -1.55 26.25
C SER C 169 18.97 -0.31 25.97
N GLY C 170 17.66 -0.46 26.05
CA GLY C 170 16.83 0.70 25.83
C GLY C 170 16.83 1.21 24.40
N VAL C 171 17.25 0.39 23.44
CA VAL C 171 17.13 0.69 22.02
C VAL C 171 15.94 -0.06 21.45
N HIS C 172 15.16 0.61 20.62
CA HIS C 172 14.15 -0.04 19.78
C HIS C 172 14.42 0.37 18.35
N THR C 173 14.72 -0.60 17.48
CA THR C 173 14.89 -0.34 16.06
C THR C 173 13.75 -1.00 15.33
N PHE C 174 13.01 -0.23 14.53
CA PHE C 174 11.75 -0.65 13.94
C PHE C 174 11.93 -1.13 12.51
N PRO C 175 11.18 -2.16 12.11
CA PRO C 175 11.30 -2.66 10.74
C PRO C 175 11.01 -1.56 9.73
N ALA C 176 11.76 -1.60 8.63
CA ALA C 176 11.56 -0.64 7.54
C ALA C 176 10.18 -0.81 6.91
N VAL C 177 9.63 0.30 6.46
CA VAL C 177 8.38 0.31 5.69
C VAL C 177 8.68 0.83 4.28
N LEU C 178 8.15 0.14 3.28
CA LEU C 178 8.38 0.50 1.88
C LEU C 178 7.25 1.43 1.43
N GLN C 179 7.60 2.66 1.08
CA GLN C 179 6.61 3.68 0.75
C GLN C 179 6.66 4.00 -0.74
N SER C 180 7.15 5.19 -1.11
CA SER C 180 7.13 5.63 -2.50
C SER C 180 8.36 5.10 -3.22
N ASP C 181 8.39 3.77 -3.36
CA ASP C 181 9.49 3.00 -3.93
C ASP C 181 10.75 3.05 -3.08
N LEU C 182 10.67 3.63 -1.88
CA LEU C 182 11.84 3.79 -1.02
C LEU C 182 11.49 3.35 0.39
N TYR C 183 12.50 2.88 1.13
CA TYR C 183 12.33 2.43 2.50
C TYR C 183 12.62 3.55 3.50
N THR C 184 11.92 3.48 4.63
CA THR C 184 12.17 4.35 5.78
C THR C 184 12.17 3.48 7.02
N LEU C 185 13.14 3.69 7.90
CA LEU C 185 13.06 3.05 9.21
C LEU C 185 13.54 4.00 10.29
N SER C 186 13.19 3.66 11.52
CA SER C 186 13.52 4.54 12.64
C SER C 186 14.07 3.72 13.79
N SER C 187 14.72 4.42 14.71
CA SER C 187 15.23 3.78 15.91
C SER C 187 15.15 4.78 17.05
N SER C 188 14.80 4.29 18.23
CA SER C 188 14.82 5.12 19.43
C SER C 188 15.82 4.56 20.45
N VAL C 189 16.37 5.46 21.27
CA VAL C 189 17.23 5.07 22.39
C VAL C 189 16.85 5.92 23.61
N THR C 190 16.75 5.26 24.77
CA THR C 190 16.32 5.92 26.00
C THR C 190 17.43 5.78 27.04
N VAL C 191 17.85 6.90 27.64
CA VAL C 191 18.92 6.92 28.62
C VAL C 191 18.49 7.80 29.79
N PRO C 192 19.18 7.71 30.93
CA PRO C 192 18.91 8.68 32.01
C PRO C 192 19.20 10.10 31.56
N SER C 193 18.32 11.02 31.99
CA SER C 193 18.25 12.34 31.36
C SER C 193 19.48 13.18 31.67
N SER C 194 20.11 12.96 32.81
CA SER C 194 21.31 13.71 33.17
C SER C 194 22.53 13.33 32.35
N THR C 195 22.47 12.29 31.52
CA THR C 195 23.63 11.88 30.75
C THR C 195 23.60 12.36 29.30
N TRP C 196 22.59 13.14 28.90
CA TRP C 196 22.56 13.67 27.54
C TRP C 196 22.10 15.12 27.61
N PRO C 197 22.77 16.04 26.91
CA PRO C 197 23.85 15.79 25.95
C PRO C 197 25.25 15.68 26.53
N SER C 198 25.39 15.63 27.86
CA SER C 198 26.74 15.66 28.43
C SER C 198 27.58 14.46 28.01
N GLU C 199 26.95 13.31 27.80
CA GLU C 199 27.66 12.11 27.35
C GLU C 199 27.11 11.75 25.97
N THR C 200 27.90 12.00 24.92
CA THR C 200 27.33 12.09 23.58
C THR C 200 26.73 10.76 23.11
N VAL C 201 25.79 10.88 22.17
CA VAL C 201 25.06 9.77 21.61
C VAL C 201 24.98 9.97 20.10
N THR C 202 25.35 8.93 19.35
CA THR C 202 25.49 8.98 17.89
C THR C 202 24.77 7.77 17.31
N CYS C 203 23.97 7.98 16.28
CA CYS C 203 23.40 6.84 15.56
C CYS C 203 24.27 6.53 14.34
N ASN C 204 24.67 5.27 14.22
CA ASN C 204 25.53 4.79 13.14
C ASN C 204 24.70 3.99 12.17
N VAL C 205 24.68 4.39 10.90
CA VAL C 205 23.84 3.74 9.91
C VAL C 205 24.69 3.30 8.74
N ALA C 206 24.61 2.02 8.37
CA ALA C 206 25.32 1.51 7.21
C ALA C 206 24.32 1.03 6.17
N HIS C 207 24.58 1.33 4.90
CA HIS C 207 23.72 0.86 3.81
C HIS C 207 24.62 0.14 2.83
N PRO C 208 24.79 -1.18 2.99
CA PRO C 208 25.74 -1.94 2.16
C PRO C 208 25.59 -1.72 0.66
N ALA C 209 24.35 -1.61 0.15
CA ALA C 209 24.18 -1.56 -1.31
C ALA C 209 24.77 -0.29 -1.92
N SER C 210 24.78 0.81 -1.18
CA SER C 210 25.37 2.05 -1.66
C SER C 210 26.74 2.29 -1.07
N SER C 211 27.25 1.34 -0.28
CA SER C 211 28.56 1.41 0.35
C SER C 211 28.72 2.67 1.20
N THR C 212 27.66 3.05 1.90
CA THR C 212 27.64 4.29 2.66
C THR C 212 27.52 4.00 4.15
N LYS C 213 28.14 4.86 4.95
CA LYS C 213 27.94 4.83 6.38
C LYS C 213 27.82 6.25 6.92
N VAL C 214 26.87 6.46 7.82
CA VAL C 214 26.63 7.78 8.40
C VAL C 214 26.74 7.64 9.91
N ASP C 215 27.48 8.55 10.53
CA ASP C 215 27.65 8.56 11.99
C ASP C 215 27.11 9.89 12.54
N LYS C 216 25.80 9.91 12.84
CA LYS C 216 25.08 11.15 13.10
C LYS C 216 24.95 11.38 14.60
N LYS C 217 25.70 12.35 15.13
CA LYS C 217 25.60 12.72 16.53
C LYS C 217 24.28 13.43 16.77
N ILE C 218 23.59 13.08 17.85
CA ILE C 218 22.34 13.77 18.22
C ILE C 218 22.70 15.02 19.02
N VAL C 219 22.34 16.18 18.50
CA VAL C 219 22.61 17.48 19.14
C VAL C 219 21.31 18.02 19.73
N PRO C 220 21.35 18.71 20.87
CA PRO C 220 20.13 19.33 21.39
C PRO C 220 19.67 20.48 20.50
N ARG C 221 18.36 20.68 20.47
CA ARG C 221 17.75 21.80 19.77
C ARG C 221 17.90 23.06 20.61
N ASP D 1 9.33 -36.40 -2.31
CA ASP D 1 9.78 -35.36 -1.39
C ASP D 1 8.89 -35.44 -0.16
N ILE D 2 9.47 -35.29 1.04
CA ILE D 2 8.71 -35.38 2.27
C ILE D 2 8.27 -33.98 2.67
N VAL D 3 6.96 -33.78 2.83
CA VAL D 3 6.39 -32.49 3.16
C VAL D 3 6.09 -32.45 4.64
N LEU D 4 6.44 -31.34 5.29
CA LEU D 4 6.22 -31.14 6.73
C LEU D 4 5.18 -30.06 6.97
N THR D 5 4.20 -30.37 7.82
CA THR D 5 3.15 -29.42 8.18
C THR D 5 3.16 -29.24 9.69
N GLN D 6 3.29 -27.98 10.13
CA GLN D 6 3.31 -27.66 11.55
C GLN D 6 1.95 -27.20 12.02
N SER D 7 1.68 -27.43 13.32
CA SER D 7 0.45 -27.00 13.95
C SER D 7 0.75 -26.63 15.40
N PRO D 8 0.22 -25.50 15.91
CA PRO D 8 -0.54 -24.48 15.19
C PRO D 8 0.37 -23.55 14.41
N ALA D 9 -0.20 -22.65 13.61
CA ALA D 9 0.63 -21.65 12.93
C ALA D 9 1.19 -20.63 13.91
N SER D 10 0.46 -20.34 14.99
CA SER D 10 0.94 -19.44 16.02
C SER D 10 0.22 -19.77 17.33
N LEU D 11 0.88 -19.43 18.44
CA LEU D 11 0.24 -19.61 19.73
C LEU D 11 0.80 -18.61 20.72
N ALA D 12 0.01 -18.35 21.77
CA ALA D 12 0.41 -17.42 22.82
C ALA D 12 0.30 -18.13 24.16
N ALA D 13 1.42 -18.19 24.90
CA ALA D 13 1.48 -18.95 26.14
C ALA D 13 1.99 -18.07 27.26
N SER D 14 1.39 -18.20 28.44
CA SER D 14 1.79 -17.42 29.60
C SER D 14 3.12 -17.89 30.16
N LEU D 15 3.89 -16.94 30.70
CA LEU D 15 5.14 -17.27 31.34
C LEU D 15 4.93 -18.38 32.35
N GLY D 16 5.82 -19.38 32.33
CA GLY D 16 5.76 -20.48 33.24
C GLY D 16 4.87 -21.64 32.82
N GLN D 17 4.15 -21.50 31.71
CA GLN D 17 3.26 -22.55 31.25
C GLN D 17 3.94 -23.39 30.16
N ARG D 18 3.20 -24.35 29.62
CA ARG D 18 3.72 -25.34 28.68
C ARG D 18 3.26 -25.03 27.27
N ALA D 19 4.20 -25.06 26.31
CA ALA D 19 3.89 -24.87 24.90
C ALA D 19 4.20 -26.16 24.15
N THR D 20 3.28 -26.56 23.27
CA THR D 20 3.41 -27.80 22.51
C THR D 20 3.25 -27.46 21.03
N ILE D 21 4.24 -27.83 20.23
CA ILE D 21 4.22 -27.57 18.79
C ILE D 21 4.39 -28.89 18.07
N SER D 22 3.53 -29.17 17.08
CA SER D 22 3.61 -30.44 16.38
C SER D 22 4.06 -30.29 14.93
N CYS D 23 4.63 -31.37 14.41
CA CYS D 23 5.10 -31.44 13.03
C CYS D 23 4.64 -32.78 12.48
N ARG D 24 3.90 -32.74 11.38
CA ARG D 24 3.42 -33.96 10.75
C ARG D 24 4.11 -34.12 9.40
N ALA D 25 4.74 -35.28 9.18
CA ALA D 25 5.41 -35.57 7.91
C ALA D 25 4.48 -36.34 6.99
N SER D 26 4.65 -36.13 5.68
CA SER D 26 3.78 -36.78 4.70
C SER D 26 4.03 -38.28 4.60
N GLU D 27 5.21 -38.74 5.02
CA GLU D 27 5.55 -40.16 5.10
C GLU D 27 6.72 -40.29 6.07
N SER D 28 7.13 -41.53 6.34
CA SER D 28 8.06 -41.79 7.43
C SER D 28 9.38 -41.06 7.24
N VAL D 29 9.88 -40.46 8.32
CA VAL D 29 11.24 -39.93 8.36
C VAL D 29 12.18 -40.85 9.13
N ASP D 30 11.76 -42.09 9.40
CA ASP D 30 12.56 -43.02 10.21
C ASP D 30 13.43 -43.90 9.31
N SER D 31 14.69 -44.04 9.68
CA SER D 31 15.55 -45.01 9.00
C SER D 31 16.56 -45.57 9.99
N TYR D 32 16.69 -46.90 9.99
CA TYR D 32 17.60 -47.67 10.85
C TYR D 32 17.64 -47.16 12.30
N GLY D 33 16.45 -47.07 12.89
CA GLY D 33 16.32 -46.80 14.31
C GLY D 33 16.46 -45.35 14.71
N ASN D 34 16.48 -44.42 13.75
CA ASN D 34 16.55 -43.00 14.04
C ASN D 34 15.44 -42.28 13.28
N SER D 35 14.92 -41.21 13.88
CA SER D 35 13.98 -40.31 13.22
C SER D 35 14.77 -39.10 12.71
N PHE D 36 14.77 -38.88 11.40
CA PHE D 36 15.56 -37.78 10.82
C PHE D 36 14.74 -36.50 10.80
N MET D 37 14.39 -36.08 12.02
CA MET D 37 13.54 -34.93 12.32
C MET D 37 14.29 -34.04 13.31
N HIS D 38 14.29 -32.73 13.07
CA HIS D 38 15.09 -31.80 13.85
C HIS D 38 14.29 -30.52 14.06
N TRP D 39 14.59 -29.78 15.14
CA TRP D 39 13.88 -28.54 15.45
C TRP D 39 14.84 -27.36 15.58
N TYR D 40 14.45 -26.22 15.00
CA TYR D 40 15.23 -24.99 15.02
C TYR D 40 14.41 -23.84 15.61
N GLN D 41 15.11 -22.93 16.28
CA GLN D 41 14.53 -21.70 16.83
C GLN D 41 15.09 -20.51 16.05
N GLN D 42 14.22 -19.59 15.66
CA GLN D 42 14.70 -18.38 15.00
C GLN D 42 14.13 -17.15 15.68
N LYS D 43 15.00 -16.37 16.27
CA LYS D 43 14.64 -15.10 16.88
C LYS D 43 14.66 -13.99 15.84
N PRO D 44 13.92 -12.91 16.05
CA PRO D 44 13.88 -11.82 15.06
C PRO D 44 15.28 -11.29 14.73
N GLY D 45 15.54 -11.14 13.43
CA GLY D 45 16.79 -10.60 12.95
C GLY D 45 17.99 -11.53 13.03
N GLN D 46 17.78 -12.80 13.35
CA GLN D 46 18.85 -13.76 13.53
C GLN D 46 18.66 -14.96 12.62
N PRO D 47 19.73 -15.69 12.32
CA PRO D 47 19.56 -16.98 11.63
C PRO D 47 18.95 -18.00 12.58
N PRO D 48 18.41 -19.09 12.04
CA PRO D 48 17.93 -20.18 12.89
C PRO D 48 19.06 -20.79 13.71
N LYS D 49 18.67 -21.46 14.80
CA LYS D 49 19.57 -22.14 15.71
C LYS D 49 19.02 -23.51 16.08
N LEU D 50 19.86 -24.54 16.02
CA LEU D 50 19.41 -25.90 16.31
C LEU D 50 19.07 -26.08 17.78
N LEU D 51 17.91 -26.66 18.07
CA LEU D 51 17.48 -27.01 19.43
C LEU D 51 17.53 -28.51 19.69
N ILE D 52 16.93 -29.30 18.80
CA ILE D 52 16.76 -30.73 18.99
C ILE D 52 17.15 -31.43 17.69
N TYR D 53 17.95 -32.50 17.81
CA TYR D 53 18.34 -33.29 16.65
C TYR D 53 17.91 -34.75 16.82
N LEU D 54 17.61 -35.39 15.70
CA LEU D 54 17.11 -36.78 15.68
C LEU D 54 15.94 -36.95 16.65
N ALA D 55 14.97 -36.04 16.54
CA ALA D 55 13.66 -36.06 17.20
C ALA D 55 13.69 -35.71 18.67
N SER D 56 14.66 -36.20 19.43
CA SER D 56 14.59 -36.07 20.88
C SER D 56 15.88 -35.70 21.58
N ASN D 57 16.96 -35.41 20.86
CA ASN D 57 18.25 -35.14 21.48
C ASN D 57 18.48 -33.65 21.63
N LEU D 58 18.78 -33.22 22.85
CA LEU D 58 19.04 -31.81 23.14
C LEU D 58 20.42 -31.42 22.65
N GLU D 59 20.49 -30.39 21.81
CA GLU D 59 21.77 -29.85 21.40
C GLU D 59 22.49 -29.24 22.61
N SER D 60 23.81 -29.40 22.64
CA SER D 60 24.60 -28.90 23.76
C SER D 60 24.34 -27.41 23.95
N GLY D 61 24.18 -27.02 25.22
CA GLY D 61 23.91 -25.63 25.56
C GLY D 61 22.45 -25.24 25.54
N VAL D 62 21.58 -26.07 24.98
CA VAL D 62 20.15 -25.75 24.94
C VAL D 62 19.52 -26.13 26.28
N PRO D 63 18.71 -25.24 26.87
CA PRO D 63 18.16 -25.50 28.20
C PRO D 63 17.23 -26.71 28.20
N ALA D 64 17.15 -27.37 29.35
CA ALA D 64 16.39 -28.60 29.50
C ALA D 64 14.88 -28.38 29.41
N ARG D 65 14.40 -27.14 29.46
CA ARG D 65 12.98 -26.91 29.26
C ARG D 65 12.51 -27.22 27.84
N PHE D 66 13.44 -27.42 26.91
CA PHE D 66 13.11 -27.85 25.54
C PHE D 66 13.22 -29.37 25.47
N SER D 67 12.21 -30.01 24.87
CA SER D 67 12.28 -31.45 24.63
C SER D 67 11.56 -31.78 23.33
N GLY D 68 11.92 -32.91 22.74
CA GLY D 68 11.28 -33.38 21.53
C GLY D 68 10.84 -34.82 21.67
N SER D 69 9.80 -35.18 20.92
CA SER D 69 9.30 -36.54 20.95
C SER D 69 8.62 -36.88 19.63
N GLY D 70 8.38 -38.17 19.43
CA GLY D 70 7.63 -38.65 18.27
C GLY D 70 8.41 -39.68 17.48
N SER D 71 7.76 -40.18 16.43
CA SER D 71 8.34 -41.14 15.51
C SER D 71 7.47 -41.22 14.26
N ARG D 72 8.04 -41.87 13.23
CA ARG D 72 7.35 -42.13 11.97
C ARG D 72 6.95 -40.83 11.29
N THR D 73 5.71 -40.38 11.46
CA THR D 73 5.23 -39.17 10.80
C THR D 73 4.77 -38.07 11.76
N ASP D 74 4.85 -38.27 13.07
CA ASP D 74 4.24 -37.32 14.01
C ASP D 74 5.23 -36.99 15.12
N PHE D 75 5.60 -35.70 15.22
CA PHE D 75 6.62 -35.25 16.15
C PHE D 75 6.15 -34.00 16.89
N THR D 76 6.70 -33.80 18.09
CA THR D 76 6.31 -32.70 18.97
C THR D 76 7.54 -32.04 19.57
N LEU D 77 7.54 -30.71 19.57
CA LEU D 77 8.47 -29.91 20.36
C LEU D 77 7.72 -29.35 21.56
N THR D 78 8.29 -29.52 22.75
CA THR D 78 7.68 -29.03 23.99
C THR D 78 8.62 -28.04 24.66
N ILE D 79 8.05 -26.93 25.12
CA ILE D 79 8.78 -25.93 25.91
C ILE D 79 8.04 -25.78 27.24
N ASP D 80 8.71 -26.14 28.34
CA ASP D 80 8.03 -26.17 29.62
C ASP D 80 9.07 -26.04 30.74
N PRO D 81 9.07 -24.93 31.51
CA PRO D 81 8.15 -23.81 31.39
C PRO D 81 8.63 -22.75 30.40
N VAL D 82 7.72 -22.06 29.68
CA VAL D 82 8.18 -21.03 28.75
C VAL D 82 8.67 -19.81 29.52
N GLU D 83 9.71 -19.17 28.98
CA GLU D 83 10.34 -17.98 29.51
C GLU D 83 10.30 -16.90 28.44
N ALA D 84 10.62 -15.66 28.84
CA ALA D 84 10.54 -14.54 27.92
C ALA D 84 11.43 -14.75 26.71
N ASP D 85 12.63 -15.31 26.91
CA ASP D 85 13.58 -15.53 25.82
C ASP D 85 13.03 -16.45 24.73
N ASP D 86 11.93 -17.16 24.98
CA ASP D 86 11.44 -18.16 24.04
C ASP D 86 10.55 -17.56 22.96
N ALA D 87 10.29 -16.24 23.01
CA ALA D 87 9.54 -15.58 21.94
C ALA D 87 10.33 -15.67 20.65
N ALA D 88 9.79 -16.37 19.66
CA ALA D 88 10.57 -16.78 18.49
C ALA D 88 9.65 -17.57 17.58
N THR D 89 10.17 -17.93 16.41
CA THR D 89 9.47 -18.84 15.50
C THR D 89 10.24 -20.14 15.43
N TYR D 90 9.50 -21.26 15.42
CA TYR D 90 10.09 -22.58 15.55
C TYR D 90 9.79 -23.38 14.29
N TYR D 91 10.80 -24.10 13.80
CA TYR D 91 10.71 -24.85 12.55
C TYR D 91 11.13 -26.29 12.78
N CYS D 92 10.34 -27.23 12.27
CA CYS D 92 10.80 -28.59 12.13
C CYS D 92 11.47 -28.76 10.76
N GLN D 93 12.28 -29.81 10.65
CA GLN D 93 13.13 -29.99 9.47
C GLN D 93 13.49 -31.47 9.37
N GLN D 94 13.30 -32.06 8.19
CA GLN D 94 13.59 -33.47 7.98
C GLN D 94 14.69 -33.66 6.94
N ASN D 95 15.47 -34.73 7.09
CA ASN D 95 16.46 -35.12 6.09
C ASN D 95 16.57 -36.63 6.01
N ASN D 96 15.43 -37.29 5.90
CA ASN D 96 15.41 -38.73 5.58
C ASN D 96 15.70 -38.88 4.09
N GLY D 97 16.95 -38.60 3.73
CA GLY D 97 17.35 -38.53 2.34
C GLY D 97 17.35 -37.11 1.81
N VAL D 98 17.04 -36.93 0.53
CA VAL D 98 17.06 -35.62 -0.14
C VAL D 98 15.87 -35.48 -1.04
N PRO D 99 15.31 -34.27 -1.17
CA PRO D 99 15.75 -33.01 -0.55
C PRO D 99 15.39 -32.88 0.91
N TRP D 100 16.24 -32.17 1.64
CA TRP D 100 15.87 -31.68 2.96
C TRP D 100 14.72 -30.68 2.82
N THR D 101 13.82 -30.68 3.80
CA THR D 101 12.71 -29.73 3.76
C THR D 101 12.42 -29.23 5.17
N PHE D 102 11.78 -28.06 5.22
CA PHE D 102 11.35 -27.44 6.46
C PHE D 102 9.83 -27.44 6.58
N GLY D 103 9.34 -27.51 7.81
CA GLY D 103 7.95 -27.12 8.05
C GLY D 103 7.78 -25.62 7.90
N GLY D 104 6.51 -25.17 7.93
CA GLY D 104 6.18 -23.77 7.65
C GLY D 104 6.42 -22.78 8.78
N GLY D 105 6.76 -23.28 9.96
CA GLY D 105 7.07 -22.46 11.12
C GLY D 105 5.87 -22.27 12.04
N THR D 106 6.17 -22.11 13.34
CA THR D 106 5.16 -21.79 14.35
C THR D 106 5.68 -20.63 15.18
N LYS D 107 4.93 -19.53 15.19
CA LYS D 107 5.31 -18.34 15.94
C LYS D 107 4.79 -18.44 17.37
N LEU D 108 5.68 -18.26 18.34
CA LEU D 108 5.32 -18.34 19.75
C LEU D 108 5.34 -16.94 20.37
N GLU D 109 4.20 -16.49 20.87
CA GLU D 109 4.10 -15.25 21.62
C GLU D 109 4.04 -15.57 23.11
N ILE D 110 4.72 -14.76 23.91
CA ILE D 110 4.71 -14.90 25.35
C ILE D 110 3.69 -13.93 25.92
N LYS D 111 2.82 -14.41 26.80
CA LYS D 111 1.82 -13.55 27.42
C LYS D 111 2.33 -13.06 28.77
N ARG D 112 2.13 -11.77 29.03
CA ARG D 112 2.57 -11.14 30.26
C ARG D 112 1.46 -10.21 30.73
N ALA D 113 1.70 -9.55 31.87
CA ALA D 113 0.77 -8.54 32.34
C ALA D 113 0.72 -7.37 31.38
N ASP D 114 -0.46 -6.75 31.27
CA ASP D 114 -0.64 -5.60 30.41
C ASP D 114 0.29 -4.47 30.83
N ALA D 115 0.79 -3.72 29.85
CA ALA D 115 1.74 -2.64 30.11
C ALA D 115 1.40 -1.46 29.21
N ALA D 116 1.37 -0.27 29.81
CA ALA D 116 1.09 0.94 29.07
C ALA D 116 2.32 1.41 28.29
N PRO D 117 2.12 2.04 27.13
CA PRO D 117 3.27 2.52 26.35
C PRO D 117 3.88 3.79 26.94
N THR D 118 5.18 3.95 26.70
CA THR D 118 5.89 5.19 26.98
C THR D 118 6.03 5.93 25.66
N VAL D 119 5.45 7.12 25.57
CA VAL D 119 5.24 7.81 24.30
C VAL D 119 6.14 9.03 24.22
N SER D 120 6.79 9.22 23.06
CA SER D 120 7.71 10.33 22.80
C SER D 120 7.44 10.87 21.40
N ILE D 121 7.47 12.19 21.24
CA ILE D 121 7.22 12.84 19.96
C ILE D 121 8.42 13.69 19.56
N PHE D 122 8.74 13.70 18.26
CA PHE D 122 9.92 14.38 17.74
C PHE D 122 9.57 15.26 16.55
N PRO D 123 9.94 16.54 16.59
CA PRO D 123 9.81 17.40 15.41
C PRO D 123 10.76 16.96 14.30
N PRO D 124 10.53 17.42 13.08
CA PRO D 124 11.52 17.20 12.01
C PRO D 124 12.87 17.80 12.38
N SER D 125 13.93 17.13 11.96
CA SER D 125 15.27 17.70 12.11
C SER D 125 15.43 18.92 11.20
N SER D 126 16.24 19.88 11.66
CA SER D 126 16.61 20.99 10.78
C SER D 126 17.24 20.48 9.50
N GLU D 127 18.03 19.40 9.59
CA GLU D 127 18.64 18.81 8.40
C GLU D 127 17.59 18.35 7.38
N GLN D 128 16.53 17.68 7.83
CA GLN D 128 15.53 17.24 6.87
C GLN D 128 14.82 18.43 6.23
N LEU D 129 14.58 19.50 7.01
CA LEU D 129 13.86 20.64 6.46
C LEU D 129 14.64 21.28 5.30
N THR D 130 15.97 21.25 5.36
CA THR D 130 16.76 21.71 4.21
C THR D 130 16.45 20.90 2.95
N SER D 131 15.93 19.69 3.09
CA SER D 131 15.62 18.85 1.93
C SER D 131 14.25 19.14 1.32
N GLY D 132 13.43 19.96 1.96
CA GLY D 132 12.07 20.19 1.50
C GLY D 132 11.03 19.26 2.05
N GLY D 133 11.42 18.28 2.87
CA GLY D 133 10.50 17.38 3.52
C GLY D 133 10.48 17.59 5.03
N ALA D 134 9.50 16.97 5.67
CA ALA D 134 9.32 17.16 7.11
C ALA D 134 8.58 15.96 7.68
N SER D 135 9.27 15.16 8.49
CA SER D 135 8.70 13.99 9.14
C SER D 135 8.58 14.26 10.63
N VAL D 136 7.38 14.04 11.18
CA VAL D 136 7.16 14.05 12.63
C VAL D 136 7.07 12.59 13.07
N VAL D 137 7.76 12.25 14.16
CA VAL D 137 7.91 10.86 14.57
C VAL D 137 7.39 10.70 15.98
N CYS D 138 6.63 9.62 16.21
CA CYS D 138 6.12 9.29 17.53
C CYS D 138 6.52 7.85 17.85
N PHE D 139 7.19 7.64 18.98
CA PHE D 139 7.50 6.29 19.43
C PHE D 139 6.54 5.90 20.55
N LEU D 140 5.96 4.70 20.43
CA LEU D 140 5.08 4.13 21.47
C LEU D 140 5.79 2.87 21.96
N ASN D 141 6.45 2.94 23.12
CA ASN D 141 7.46 1.95 23.47
C ASN D 141 7.06 1.10 24.69
N ASN D 142 7.35 -0.21 24.57
CA ASN D 142 7.30 -1.18 25.68
C ASN D 142 5.88 -1.34 26.24
N PHE D 143 4.96 -1.75 25.36
CA PHE D 143 3.58 -1.96 25.79
C PHE D 143 3.18 -3.40 25.54
N TYR D 144 2.06 -3.80 26.17
CA TYR D 144 1.50 -5.13 25.97
C TYR D 144 0.03 -5.07 26.33
N PRO D 145 -0.87 -5.67 25.53
CA PRO D 145 -0.61 -6.45 24.31
C PRO D 145 -0.30 -5.60 23.07
N LYS D 146 -0.10 -6.31 21.95
CA LYS D 146 0.42 -5.69 20.73
C LYS D 146 -0.55 -4.68 20.11
N ASP D 147 -1.85 -4.89 20.25
CA ASP D 147 -2.82 -3.99 19.62
C ASP D 147 -2.75 -2.60 20.25
N ILE D 148 -2.66 -1.58 19.40
CA ILE D 148 -2.56 -0.20 19.84
C ILE D 148 -3.04 0.70 18.70
N ASN D 149 -3.56 1.87 19.05
CA ASN D 149 -4.00 2.83 18.06
C ASN D 149 -3.28 4.15 18.27
N VAL D 150 -2.90 4.79 17.17
CA VAL D 150 -2.25 6.09 17.21
C VAL D 150 -3.07 7.05 16.35
N LYS D 151 -3.31 8.25 16.89
CA LYS D 151 -4.03 9.29 16.17
C LYS D 151 -3.15 10.53 16.13
N TRP D 152 -3.02 11.12 14.94
CA TRP D 152 -2.29 12.37 14.77
C TRP D 152 -3.26 13.54 14.66
N LYS D 153 -2.86 14.68 15.23
CA LYS D 153 -3.61 15.92 15.10
C LYS D 153 -2.64 17.04 14.75
N ILE D 154 -3.07 17.92 13.86
CA ILE D 154 -2.29 19.10 13.48
C ILE D 154 -3.18 20.32 13.68
N ASP D 155 -2.72 21.25 14.53
CA ASP D 155 -3.53 22.42 14.91
C ASP D 155 -4.92 21.98 15.38
N GLY D 156 -4.97 20.83 16.05
CA GLY D 156 -6.17 20.34 16.68
C GLY D 156 -7.09 19.50 15.82
N SER D 157 -6.78 19.32 14.55
CA SER D 157 -7.60 18.53 13.63
C SER D 157 -6.94 17.21 13.36
N GLU D 158 -7.72 16.12 13.48
CA GLU D 158 -7.21 14.79 13.23
C GLU D 158 -6.68 14.68 11.81
N ARG D 159 -5.51 14.05 11.67
CA ARG D 159 -4.83 13.95 10.39
C ARG D 159 -4.54 12.49 10.09
N GLN D 160 -4.91 12.05 8.88
CA GLN D 160 -4.81 10.63 8.52
C GLN D 160 -3.86 10.37 7.36
N ASN D 161 -3.80 11.25 6.37
CA ASN D 161 -2.94 11.03 5.22
C ASN D 161 -1.48 11.20 5.60
N GLY D 162 -0.62 10.35 5.03
CA GLY D 162 0.81 10.48 5.22
C GLY D 162 1.36 9.84 6.46
N VAL D 163 0.61 8.95 7.11
CA VAL D 163 1.02 8.28 8.35
C VAL D 163 1.43 6.86 8.04
N LEU D 164 2.63 6.47 8.48
CA LEU D 164 3.11 5.11 8.31
C LEU D 164 3.59 4.57 9.65
N ASN D 165 3.15 3.35 9.96
CA ASN D 165 3.39 2.72 11.26
C ASN D 165 4.21 1.46 11.10
N SER D 166 5.04 1.18 12.10
CA SER D 166 5.84 -0.04 12.10
C SER D 166 5.95 -0.59 13.51
N TRP D 167 5.58 -1.87 13.68
CA TRP D 167 5.67 -2.56 14.95
C TRP D 167 6.94 -3.41 15.02
N THR D 168 7.60 -3.39 16.19
CA THR D 168 8.65 -4.37 16.43
C THR D 168 8.07 -5.76 16.66
N ASP D 169 8.94 -6.75 16.63
CA ASP D 169 8.62 -8.07 17.16
C ASP D 169 8.65 -8.03 18.68
N GLN D 170 8.24 -9.13 19.31
CA GLN D 170 8.15 -9.15 20.76
C GLN D 170 9.54 -9.15 21.40
N ASP D 171 9.70 -8.32 22.44
CA ASP D 171 10.97 -8.18 23.12
C ASP D 171 11.33 -9.47 23.87
N SER D 172 12.57 -9.93 23.70
CA SER D 172 13.05 -11.18 24.28
C SER D 172 13.28 -11.09 25.78
N LYS D 173 13.33 -9.87 26.34
CA LYS D 173 13.57 -9.71 27.76
C LYS D 173 12.31 -9.40 28.57
N ASP D 174 11.51 -8.43 28.14
CA ASP D 174 10.33 -8.04 28.91
C ASP D 174 9.01 -8.36 28.23
N SER D 175 9.04 -9.05 27.08
CA SER D 175 7.85 -9.55 26.38
C SER D 175 6.92 -8.44 25.92
N THR D 176 7.40 -7.20 25.83
CA THR D 176 6.58 -6.11 25.31
C THR D 176 6.79 -5.92 23.80
N TYR D 177 5.98 -5.03 23.24
CA TYR D 177 6.11 -4.56 21.86
C TYR D 177 6.35 -3.05 21.87
N SER D 178 6.90 -2.56 20.77
CA SER D 178 7.01 -1.12 20.55
C SER D 178 6.54 -0.80 19.13
N MET D 179 6.16 0.46 18.90
CA MET D 179 5.66 0.86 17.59
C MET D 179 6.12 2.28 17.28
N SER D 180 6.45 2.54 16.01
CA SER D 180 6.81 3.86 15.56
C SER D 180 5.81 4.34 14.53
N SER D 181 5.34 5.57 14.68
CA SER D 181 4.43 6.22 13.74
C SER D 181 5.12 7.44 13.17
N THR D 182 5.15 7.55 11.83
CA THR D 182 5.79 8.69 11.18
C THR D 182 4.79 9.41 10.29
N LEU D 183 4.65 10.71 10.49
CA LEU D 183 3.82 11.57 9.66
C LEU D 183 4.73 12.41 8.79
N THR D 184 4.58 12.30 7.47
CA THR D 184 5.46 13.02 6.56
C THR D 184 4.67 14.05 5.75
N LEU D 185 5.15 15.30 5.78
CA LEU D 185 4.60 16.45 5.08
C LEU D 185 5.69 17.10 4.25
N THR D 186 5.31 18.05 3.41
CA THR D 186 6.32 18.91 2.83
C THR D 186 6.79 19.92 3.87
N LYS D 187 7.97 20.48 3.65
CA LYS D 187 8.45 21.55 4.52
C LYS D 187 7.45 22.70 4.55
N ASP D 188 6.92 23.07 3.38
CA ASP D 188 5.96 24.16 3.31
C ASP D 188 4.73 23.88 4.16
N GLU D 189 4.16 22.67 4.03
CA GLU D 189 2.96 22.36 4.81
C GLU D 189 3.29 22.29 6.30
N TYR D 190 4.43 21.71 6.67
CA TYR D 190 4.81 21.64 8.07
C TYR D 190 4.88 23.03 8.71
N GLU D 191 5.45 24.00 8.00
CA GLU D 191 5.62 25.34 8.56
C GLU D 191 4.35 26.19 8.49
N ARG D 192 3.28 25.70 7.85
CA ARG D 192 1.98 26.35 7.86
C ARG D 192 1.17 26.02 9.11
N HIS D 193 1.66 25.11 9.96
CA HIS D 193 0.96 24.71 11.17
C HIS D 193 1.92 24.79 12.35
N ASN D 194 1.37 24.72 13.57
CA ASN D 194 2.21 24.97 14.72
C ASN D 194 2.09 23.95 15.84
N SER D 195 0.92 23.34 16.01
CA SER D 195 0.71 22.35 17.06
C SER D 195 0.65 20.95 16.46
N TYR D 196 1.52 20.05 16.93
CA TYR D 196 1.58 18.68 16.44
C TYR D 196 1.38 17.70 17.59
N THR D 197 0.47 16.74 17.41
CA THR D 197 0.05 15.89 18.52
C THR D 197 -0.03 14.43 18.11
N CYS D 198 0.56 13.57 18.95
CA CYS D 198 0.47 12.12 18.84
C CYS D 198 -0.37 11.60 20.01
N GLU D 199 -1.44 10.86 19.74
CA GLU D 199 -2.29 10.31 20.79
C GLU D 199 -2.32 8.79 20.71
N ALA D 200 -1.95 8.13 21.80
CA ALA D 200 -1.86 6.67 21.88
C ALA D 200 -3.03 6.13 22.71
N THR D 201 -3.81 5.22 22.12
CA THR D 201 -4.91 4.55 22.79
C THR D 201 -4.56 3.07 22.92
N HIS D 202 -4.57 2.57 24.15
CA HIS D 202 -4.18 1.20 24.46
C HIS D 202 -5.14 0.69 25.53
N LYS D 203 -5.38 -0.63 25.54
CA LYS D 203 -6.36 -1.18 26.45
C LYS D 203 -6.02 -0.93 27.92
N THR D 204 -4.76 -0.61 28.23
CA THR D 204 -4.36 -0.36 29.60
C THR D 204 -5.06 0.85 30.21
N SER D 205 -5.62 1.74 29.38
CA SER D 205 -6.34 2.89 29.94
C SER D 205 -7.41 3.35 28.97
N THR D 206 -8.57 3.75 29.53
CA THR D 206 -9.63 4.36 28.74
C THR D 206 -9.29 5.77 28.29
N SER D 207 -8.25 6.39 28.84
CA SER D 207 -7.81 7.69 28.40
C SER D 207 -6.61 7.55 27.47
N PRO D 208 -6.54 8.32 26.40
CA PRO D 208 -5.35 8.29 25.55
C PRO D 208 -4.17 8.97 26.23
N ILE D 209 -2.97 8.52 25.85
CA ILE D 209 -1.74 9.22 26.21
C ILE D 209 -1.47 10.23 25.11
N VAL D 210 -1.36 11.51 25.48
CA VAL D 210 -1.27 12.62 24.54
C VAL D 210 0.13 13.22 24.65
N LYS D 211 0.84 13.29 23.52
CA LYS D 211 2.12 13.98 23.47
C LYS D 211 2.10 14.96 22.32
N SER D 212 2.57 16.18 22.58
CA SER D 212 2.51 17.21 21.56
C SER D 212 3.71 18.13 21.70
N PHE D 213 3.95 18.89 20.62
CA PHE D 213 4.88 19.99 20.69
C PHE D 213 4.36 21.12 19.82
N ASN D 214 4.87 22.32 20.08
CA ASN D 214 4.60 23.49 19.27
C ASN D 214 5.87 23.85 18.52
N ARG D 215 5.73 24.11 17.20
CA ARG D 215 6.86 24.42 16.34
C ARG D 215 7.68 25.58 16.88
N ASN D 216 7.06 26.50 17.63
CA ASN D 216 7.71 27.71 18.09
C ASN D 216 8.07 27.69 19.58
N GLU D 217 8.00 26.54 20.24
CA GLU D 217 8.30 26.49 21.68
C GLU D 217 9.78 26.22 21.99
MG MG E . -19.95 -5.59 -20.08
MG MG F . 7.77 -23.90 2.92
#